data_2OV5
#
_entry.id   2OV5
#
_cell.length_a   116.245
_cell.length_b   116.245
_cell.length_c   52.001
_cell.angle_alpha   90.000
_cell.angle_beta   90.000
_cell.angle_gamma   120.000
#
_symmetry.space_group_name_H-M   'P 31'
#
loop_
_entity.id
_entity.type
_entity.pdbx_description
1 polymer Carbapenemase
2 non-polymer BICINE
3 water water
#
_entity_poly.entity_id   1
_entity_poly.type   'polypeptide(L)'
_entity_poly.pdbx_seq_one_letter_code
;AEPFAKLEQDFGGSIGVYAMDTGSGATVSYRAEERFPLCSSFKGFLAAAVLARSQQQAGLLDTPIRYGKNALVPWSPISE
KYLTTGMTVAELSAAAVQYSDNAAANLLLKELGGPAGLTAFMRSIGDTTFRLDRWELELNSAIPGDARDTSSPRAVTESL
QKLTLGSALAAPQRQQFVDWLKGNTTGNHRIRAAVPADWAVGDKTGTCGVYGTANDYAVVWPTGRAPIVLAVYTRAPNKD
DKHSEAVIAAAARLALEGLGV
;
_entity_poly.pdbx_strand_id   A,B,C
#
loop_
_chem_comp.id
_chem_comp.type
_chem_comp.name
_chem_comp.formula
BCN non-polymer BICINE 'C6 H13 N O4'
#
# COMPACT_ATOMS: atom_id res chain seq x y z
N ALA A 1 -15.64 -16.99 1.76
CA ALA A 1 -14.47 -16.25 2.35
C ALA A 1 -13.33 -16.23 1.35
N GLU A 2 -13.01 -17.39 0.78
CA GLU A 2 -11.97 -17.49 -0.23
C GLU A 2 -12.54 -16.67 -1.39
N PRO A 3 -13.84 -16.83 -1.67
CA PRO A 3 -14.48 -16.08 -2.77
C PRO A 3 -14.40 -14.59 -2.49
N PHE A 4 -14.46 -14.24 -1.21
CA PHE A 4 -14.40 -12.84 -0.77
C PHE A 4 -13.03 -12.21 -0.98
N ALA A 5 -11.98 -12.97 -0.68
CA ALA A 5 -10.64 -12.44 -0.86
C ALA A 5 -10.42 -12.28 -2.36
N LYS A 6 -10.85 -13.28 -3.11
CA LYS A 6 -10.73 -13.26 -4.57
C LYS A 6 -11.46 -12.02 -5.10
N LEU A 7 -12.70 -11.84 -4.66
CA LEU A 7 -13.51 -10.70 -5.08
C LEU A 7 -12.88 -9.32 -4.82
N GLU A 8 -12.42 -9.07 -3.60
CA GLU A 8 -11.82 -7.79 -3.26
C GLU A 8 -10.50 -7.58 -3.99
N GLN A 9 -9.77 -8.67 -4.20
CA GLN A 9 -8.51 -8.59 -4.91
C GLN A 9 -8.77 -8.13 -6.34
N ASP A 10 -9.75 -8.74 -6.98
CA ASP A 10 -10.10 -8.34 -8.33
C ASP A 10 -10.51 -6.88 -8.32
N PHE A 11 -11.16 -6.47 -7.21
CA PHE A 11 -11.62 -5.10 -7.00
C PHE A 11 -10.47 -4.14 -6.76
N GLY A 12 -9.40 -4.63 -6.15
CA GLY A 12 -8.27 -3.77 -5.87
C GLY A 12 -8.44 -2.99 -4.58
N GLY A 13 -9.19 -3.54 -3.63
CA GLY A 13 -9.41 -2.87 -2.36
C GLY A 13 -9.89 -3.85 -1.30
N SER A 14 -10.60 -3.35 -0.30
CA SER A 14 -11.10 -4.21 0.77
C SER A 14 -12.62 -4.24 0.74
N ILE A 15 -13.18 -5.42 0.99
CA ILE A 15 -14.64 -5.56 1.03
C ILE A 15 -15.01 -6.14 2.38
N GLY A 16 -15.95 -5.48 3.04
CA GLY A 16 -16.40 -5.92 4.35
C GLY A 16 -17.83 -6.39 4.26
N VAL A 17 -18.09 -7.58 4.77
CA VAL A 17 -19.43 -8.14 4.69
C VAL A 17 -19.95 -8.81 5.98
N TYR A 18 -21.19 -8.49 6.34
CA TYR A 18 -21.82 -9.13 7.48
C TYR A 18 -23.27 -9.34 7.09
N ALA A 19 -23.72 -10.59 7.20
CA ALA A 19 -25.10 -10.93 6.86
C ALA A 19 -25.62 -11.90 7.90
N MET A 20 -26.84 -11.67 8.37
CA MET A 20 -27.37 -12.60 9.35
C MET A 20 -28.79 -13.05 9.09
N ASP A 21 -28.99 -14.37 9.20
CA ASP A 21 -30.30 -14.97 9.03
C ASP A 21 -31.00 -14.81 10.37
N THR A 22 -32.03 -13.96 10.43
CA THR A 22 -32.74 -13.72 11.68
C THR A 22 -33.53 -14.93 12.15
N GLY A 23 -33.51 -16.00 11.35
CA GLY A 23 -34.22 -17.20 11.73
C GLY A 23 -33.30 -18.25 12.34
N SER A 24 -32.33 -18.70 11.55
CA SER A 24 -31.38 -19.70 11.98
C SER A 24 -30.28 -19.13 12.87
N GLY A 25 -30.07 -17.82 12.77
CA GLY A 25 -29.03 -17.20 13.57
C GLY A 25 -27.70 -17.33 12.86
N ALA A 26 -27.72 -17.91 11.67
CA ALA A 26 -26.51 -18.11 10.88
C ALA A 26 -25.99 -16.77 10.37
N THR A 27 -24.68 -16.66 10.22
CA THR A 27 -24.10 -15.42 9.73
C THR A 27 -22.96 -15.63 8.75
N VAL A 28 -22.71 -14.62 7.93
CA VAL A 28 -21.60 -14.66 6.99
C VAL A 28 -20.78 -13.48 7.51
N SER A 29 -19.48 -13.65 7.70
CA SER A 29 -18.65 -12.58 8.24
C SER A 29 -17.26 -12.54 7.62
N TYR A 30 -16.98 -11.45 6.92
CA TYR A 30 -15.67 -11.24 6.27
C TYR A 30 -15.28 -9.77 6.46
N ARG A 31 -14.23 -9.52 7.24
CA ARG A 31 -13.78 -8.16 7.54
C ARG A 31 -14.96 -7.36 8.11
N ALA A 32 -15.86 -8.06 8.80
CA ALA A 32 -17.08 -7.48 9.36
C ALA A 32 -16.90 -6.52 10.53
N GLU A 33 -15.82 -6.65 11.30
CA GLU A 33 -15.62 -5.76 12.44
C GLU A 33 -14.57 -4.67 12.12
N GLU A 34 -14.17 -4.59 10.86
CA GLU A 34 -13.22 -3.58 10.40
C GLU A 34 -14.03 -2.31 10.14
N ARG A 35 -13.39 -1.14 10.28
CA ARG A 35 -14.08 0.12 10.01
C ARG A 35 -14.08 0.53 8.53
N PHE A 36 -15.24 0.97 8.06
CA PHE A 36 -15.42 1.42 6.69
C PHE A 36 -16.19 2.73 6.76
N PRO A 37 -15.88 3.69 5.89
CA PRO A 37 -16.63 4.95 5.96
C PRO A 37 -18.13 4.66 5.72
N LEU A 38 -18.97 5.38 6.42
CA LEU A 38 -20.41 5.23 6.27
C LEU A 38 -20.90 5.89 4.98
N CYS A 39 -20.23 6.97 4.59
CA CYS A 39 -20.63 7.77 3.42
C CYS A 39 -22.10 8.15 3.62
N SER A 40 -22.89 8.01 2.58
CA SER A 40 -24.30 8.37 2.60
C SER A 40 -25.22 7.46 3.43
N SER A 41 -24.76 6.25 3.75
CA SER A 41 -25.56 5.28 4.49
C SER A 41 -26.03 5.72 5.90
N PHE A 42 -25.37 6.71 6.49
CA PHE A 42 -25.76 7.18 7.81
C PHE A 42 -27.19 7.71 7.81
N LYS A 43 -27.64 8.21 6.67
CA LYS A 43 -28.98 8.78 6.53
C LYS A 43 -30.12 7.86 6.96
N GLY A 44 -29.93 6.55 6.78
CA GLY A 44 -30.95 5.59 7.19
C GLY A 44 -31.11 5.60 8.70
N PHE A 45 -29.98 5.56 9.40
CA PHE A 45 -30.01 5.59 10.86
C PHE A 45 -30.46 6.96 11.34
N LEU A 46 -30.26 7.98 10.50
CA LEU A 46 -30.67 9.33 10.84
C LEU A 46 -32.19 9.38 10.90
N ALA A 47 -32.86 8.71 9.97
CA ALA A 47 -34.32 8.68 9.94
C ALA A 47 -34.88 7.92 11.13
N ALA A 48 -34.17 6.87 11.56
CA ALA A 48 -34.60 6.09 12.71
C ALA A 48 -34.55 6.98 13.94
N ALA A 49 -33.44 7.71 14.10
CA ALA A 49 -33.27 8.62 15.23
C ALA A 49 -34.44 9.62 15.28
N VAL A 50 -34.90 10.04 14.11
CA VAL A 50 -36.04 10.95 14.00
C VAL A 50 -37.31 10.25 14.48
N LEU A 51 -37.51 9.03 14.00
CA LEU A 51 -38.69 8.25 14.38
C LEU A 51 -38.68 7.94 15.86
N ALA A 52 -37.51 7.59 16.40
CA ALA A 52 -37.37 7.30 17.81
C ALA A 52 -37.77 8.51 18.65
N ARG A 53 -37.38 9.70 18.20
CA ARG A 53 -37.71 10.93 18.90
C ARG A 53 -39.17 11.31 18.74
N SER A 54 -39.78 10.90 17.65
CA SER A 54 -41.19 11.20 17.41
C SER A 54 -42.09 10.45 18.38
N GLN A 55 -41.53 9.41 19.02
CA GLN A 55 -42.31 8.61 19.97
C GLN A 55 -42.62 9.43 21.22
N GLN A 56 -41.62 10.14 21.72
CA GLN A 56 -41.76 10.97 22.91
C GLN A 56 -42.19 12.39 22.52
N GLN A 57 -42.40 12.61 21.23
CA GLN A 57 -42.79 13.94 20.79
C GLN A 57 -43.72 13.93 19.58
N ALA A 58 -45.00 13.77 19.83
CA ALA A 58 -45.98 13.76 18.77
C ALA A 58 -45.92 15.12 18.06
N GLY A 59 -46.28 15.13 16.78
CA GLY A 59 -46.25 16.37 16.02
C GLY A 59 -44.90 16.65 15.38
N LEU A 60 -43.89 15.87 15.73
CA LEU A 60 -42.55 16.08 15.16
C LEU A 60 -42.55 15.92 13.64
N LEU A 61 -42.95 14.75 13.18
CA LEU A 61 -42.97 14.45 11.74
C LEU A 61 -43.68 15.48 10.87
N ASP A 62 -44.77 16.05 11.37
CA ASP A 62 -45.50 17.04 10.60
C ASP A 62 -44.97 18.45 10.77
N THR A 63 -43.92 18.60 11.58
CA THR A 63 -43.35 19.92 11.81
C THR A 63 -42.73 20.47 10.53
N PRO A 64 -43.17 21.68 10.12
CA PRO A 64 -42.69 22.37 8.92
C PRO A 64 -41.27 22.90 9.12
N ILE A 65 -40.42 22.65 8.14
CA ILE A 65 -39.04 23.12 8.17
C ILE A 65 -38.80 24.02 6.96
N ARG A 66 -38.53 25.30 7.22
CA ARG A 66 -38.24 26.23 6.14
C ARG A 66 -36.74 26.32 6.01
N TYR A 67 -36.25 26.33 4.79
CA TYR A 67 -34.83 26.42 4.52
C TYR A 67 -34.55 27.36 3.37
N GLY A 68 -33.29 27.78 3.24
CA GLY A 68 -32.91 28.69 2.18
C GLY A 68 -32.05 28.02 1.13
N LYS A 69 -31.76 28.79 0.09
CA LYS A 69 -30.95 28.34 -1.03
C LYS A 69 -29.55 27.94 -0.55
N ASN A 70 -29.01 28.65 0.43
CA ASN A 70 -27.68 28.31 0.92
C ASN A 70 -27.60 26.84 1.32
N ALA A 71 -28.73 26.31 1.81
CA ALA A 71 -28.83 24.92 2.27
C ALA A 71 -28.82 23.82 1.20
N LEU A 72 -28.93 24.20 -0.07
CA LEU A 72 -28.97 23.24 -1.18
C LEU A 72 -27.61 22.81 -1.70
N VAL A 73 -26.92 21.97 -0.94
CA VAL A 73 -25.61 21.48 -1.34
C VAL A 73 -25.80 20.44 -2.44
N PRO A 74 -24.69 19.99 -3.06
CA PRO A 74 -24.80 18.98 -4.11
C PRO A 74 -25.68 17.79 -3.73
N TRP A 75 -26.38 17.26 -4.72
CA TRP A 75 -27.31 16.15 -4.59
C TRP A 75 -28.39 16.35 -3.53
N SER A 76 -29.25 17.34 -3.80
CA SER A 76 -30.39 17.67 -2.95
C SER A 76 -31.56 17.82 -3.92
N PRO A 77 -31.82 16.80 -4.76
CA PRO A 77 -32.91 16.82 -5.74
C PRO A 77 -34.32 17.14 -5.21
N ILE A 78 -34.67 16.58 -4.05
CA ILE A 78 -35.99 16.83 -3.48
C ILE A 78 -36.06 18.22 -2.85
N SER A 79 -35.09 18.52 -2.00
CA SER A 79 -35.00 19.80 -1.30
C SER A 79 -35.05 20.98 -2.28
N GLU A 80 -34.45 20.79 -3.45
CA GLU A 80 -34.42 21.83 -4.46
C GLU A 80 -35.82 22.13 -4.97
N LYS A 81 -36.60 21.07 -5.19
CA LYS A 81 -37.98 21.19 -5.68
C LYS A 81 -38.94 21.87 -4.70
N TYR A 82 -38.79 21.60 -3.41
CA TYR A 82 -39.69 22.17 -2.41
C TYR A 82 -39.15 23.39 -1.68
N LEU A 83 -38.15 24.03 -2.26
CA LEU A 83 -37.52 25.20 -1.65
C LEU A 83 -38.50 26.30 -1.22
N THR A 84 -39.35 26.74 -2.15
CA THR A 84 -40.31 27.80 -1.86
C THR A 84 -41.42 27.45 -0.86
N THR A 85 -41.69 26.16 -0.67
CA THR A 85 -42.73 25.74 0.26
C THR A 85 -42.17 25.11 1.54
N GLY A 86 -40.90 24.70 1.49
CA GLY A 86 -40.31 24.04 2.64
C GLY A 86 -40.78 22.60 2.68
N MET A 87 -40.34 21.85 3.70
CA MET A 87 -40.74 20.44 3.86
C MET A 87 -40.89 20.10 5.34
N THR A 88 -41.75 19.12 5.63
CA THR A 88 -41.97 18.69 7.00
C THR A 88 -40.84 17.72 7.37
N VAL A 89 -40.74 17.43 8.67
CA VAL A 89 -39.70 16.52 9.14
C VAL A 89 -39.88 15.16 8.48
N ALA A 90 -41.13 14.73 8.30
CA ALA A 90 -41.42 13.44 7.67
C ALA A 90 -40.99 13.41 6.20
N GLU A 91 -41.29 14.49 5.47
CA GLU A 91 -40.94 14.61 4.06
C GLU A 91 -39.43 14.69 3.87
N LEU A 92 -38.72 15.32 4.82
CA LEU A 92 -37.27 15.43 4.74
C LEU A 92 -36.65 14.06 4.98
N SER A 93 -37.28 13.27 5.85
CA SER A 93 -36.81 11.93 6.18
C SER A 93 -36.95 10.99 4.99
N ALA A 94 -38.08 11.10 4.31
CA ALA A 94 -38.34 10.27 3.12
C ALA A 94 -37.31 10.65 2.05
N ALA A 95 -37.06 11.95 1.89
CA ALA A 95 -36.09 12.44 0.90
C ALA A 95 -34.66 11.96 1.19
N ALA A 96 -34.26 12.06 2.46
CA ALA A 96 -32.94 11.65 2.89
C ALA A 96 -32.69 10.15 2.72
N VAL A 97 -33.69 9.34 3.05
CA VAL A 97 -33.58 7.89 2.93
C VAL A 97 -33.71 7.36 1.52
N GLN A 98 -34.76 7.79 0.83
CA GLN A 98 -35.04 7.30 -0.51
C GLN A 98 -34.33 7.96 -1.68
N TYR A 99 -33.81 9.16 -1.48
CA TYR A 99 -33.09 9.84 -2.55
C TYR A 99 -31.70 10.30 -2.10
N SER A 100 -31.39 10.01 -0.84
CA SER A 100 -30.10 10.38 -0.26
C SER A 100 -29.90 11.91 -0.34
N ASP A 101 -31.01 12.64 -0.26
CA ASP A 101 -30.99 14.09 -0.33
C ASP A 101 -30.11 14.66 0.80
N ASN A 102 -29.00 15.29 0.42
CA ASN A 102 -28.05 15.85 1.38
C ASN A 102 -28.58 17.03 2.20
N ALA A 103 -29.27 17.95 1.52
CA ALA A 103 -29.87 19.10 2.17
C ALA A 103 -30.80 18.62 3.29
N ALA A 104 -31.66 17.66 2.95
CA ALA A 104 -32.63 17.10 3.87
C ALA A 104 -31.94 16.42 5.05
N ALA A 105 -30.86 15.68 4.76
CA ALA A 105 -30.10 14.99 5.80
C ALA A 105 -29.48 15.99 6.76
N ASN A 106 -28.97 17.09 6.23
CA ASN A 106 -28.34 18.11 7.08
C ASN A 106 -29.35 18.84 7.97
N LEU A 107 -30.54 19.10 7.44
CA LEU A 107 -31.57 19.77 8.22
C LEU A 107 -32.04 18.85 9.35
N LEU A 108 -32.08 17.55 9.09
CA LEU A 108 -32.49 16.58 10.11
C LEU A 108 -31.38 16.38 11.14
N LEU A 109 -30.12 16.45 10.68
CA LEU A 109 -29.00 16.32 11.60
C LEU A 109 -29.06 17.50 12.57
N LYS A 110 -29.30 18.69 12.04
CA LYS A 110 -29.41 19.90 12.85
C LYS A 110 -30.48 19.72 13.93
N GLU A 111 -31.59 19.09 13.57
CA GLU A 111 -32.69 18.86 14.50
C GLU A 111 -32.34 17.84 15.58
N LEU A 112 -31.44 16.92 15.27
CA LEU A 112 -31.05 15.90 16.24
C LEU A 112 -29.78 16.26 17.02
N GLY A 113 -29.31 17.48 16.84
CA GLY A 113 -28.11 17.90 17.55
C GLY A 113 -26.84 17.58 16.78
N GLY A 114 -26.96 17.54 15.45
CA GLY A 114 -25.81 17.27 14.59
C GLY A 114 -25.24 15.86 14.67
N PRO A 115 -24.12 15.60 13.98
CA PRO A 115 -23.47 14.29 13.97
C PRO A 115 -23.34 13.66 15.37
N ALA A 116 -23.04 14.48 16.37
CA ALA A 116 -22.91 14.01 17.75
C ALA A 116 -24.25 13.48 18.27
N GLY A 117 -25.32 14.17 17.90
CA GLY A 117 -26.66 13.75 18.29
C GLY A 117 -26.98 12.38 17.71
N LEU A 118 -26.68 12.17 16.43
CA LEU A 118 -26.94 10.87 15.83
C LEU A 118 -26.04 9.80 16.44
N THR A 119 -24.78 10.14 16.68
CA THR A 119 -23.86 9.17 17.29
C THR A 119 -24.43 8.77 18.64
N ALA A 120 -24.94 9.74 19.39
CA ALA A 120 -25.52 9.49 20.72
C ALA A 120 -26.73 8.56 20.61
N PHE A 121 -27.53 8.71 19.55
CA PHE A 121 -28.68 7.84 19.36
C PHE A 121 -28.23 6.41 19.12
N MET A 122 -27.20 6.23 18.30
CA MET A 122 -26.70 4.89 18.03
C MET A 122 -26.19 4.27 19.31
N ARG A 123 -25.66 5.10 20.19
CA ARG A 123 -25.17 4.63 21.48
C ARG A 123 -26.35 4.15 22.31
N SER A 124 -27.48 4.86 22.25
CA SER A 124 -28.65 4.47 23.05
C SER A 124 -29.28 3.13 22.66
N ILE A 125 -29.03 2.68 21.43
CA ILE A 125 -29.59 1.39 21.01
C ILE A 125 -28.52 0.30 21.20
N GLY A 126 -27.37 0.70 21.73
CA GLY A 126 -26.31 -0.25 21.99
C GLY A 126 -25.24 -0.41 20.93
N ASP A 127 -25.16 0.52 19.99
CA ASP A 127 -24.15 0.47 18.93
C ASP A 127 -22.94 1.23 19.45
N THR A 128 -21.86 0.51 19.74
CA THR A 128 -20.66 1.15 20.26
C THR A 128 -19.61 1.49 19.21
N THR A 129 -19.86 1.10 17.96
CA THR A 129 -18.91 1.32 16.88
C THR A 129 -19.19 2.57 16.04
N PHE A 130 -20.44 2.77 15.71
CA PHE A 130 -20.89 3.88 14.88
C PHE A 130 -20.43 5.24 15.38
N ARG A 131 -19.91 6.04 14.45
CA ARG A 131 -19.50 7.39 14.78
C ARG A 131 -19.61 8.31 13.56
N LEU A 132 -20.41 9.36 13.70
CA LEU A 132 -20.53 10.34 12.63
C LEU A 132 -19.89 11.55 13.24
N ASP A 133 -18.96 12.13 12.52
CA ASP A 133 -18.19 13.29 12.98
C ASP A 133 -18.50 14.58 12.23
N ARG A 134 -18.86 14.46 10.94
CA ARG A 134 -19.16 15.62 10.11
C ARG A 134 -20.51 15.51 9.41
N TRP A 135 -20.86 16.55 8.66
CA TRP A 135 -22.12 16.63 7.93
C TRP A 135 -21.84 16.36 6.47
N GLU A 136 -22.90 16.17 5.68
CA GLU A 136 -22.76 16.00 4.25
C GLU A 136 -22.33 17.37 3.74
N LEU A 137 -21.36 17.44 2.85
CA LEU A 137 -20.69 16.30 2.26
C LEU A 137 -19.27 16.09 2.73
N GLU A 138 -18.85 16.84 3.75
CA GLU A 138 -17.49 16.72 4.26
C GLU A 138 -17.20 15.34 4.81
N LEU A 139 -18.24 14.62 5.23
CA LEU A 139 -18.06 13.29 5.79
C LEU A 139 -17.63 12.23 4.77
N ASN A 140 -17.52 12.62 3.50
CA ASN A 140 -17.15 11.69 2.43
C ASN A 140 -15.67 11.65 2.05
N SER A 141 -14.78 12.20 2.87
CA SER A 141 -13.35 12.18 2.53
C SER A 141 -12.78 10.76 2.37
N ALA A 142 -13.32 9.83 3.15
CA ALA A 142 -12.90 8.43 3.11
C ALA A 142 -11.39 8.23 3.06
N ILE A 143 -10.65 8.96 3.88
CA ILE A 143 -9.21 8.85 3.89
C ILE A 143 -8.82 7.55 4.58
N PRO A 144 -7.99 6.73 3.93
CA PRO A 144 -7.55 5.44 4.49
C PRO A 144 -7.00 5.57 5.90
N GLY A 145 -7.56 4.80 6.83
CA GLY A 145 -7.12 4.81 8.20
C GLY A 145 -7.86 5.81 9.06
N ASP A 146 -8.57 6.73 8.43
CA ASP A 146 -9.32 7.75 9.16
C ASP A 146 -10.55 7.10 9.80
N ALA A 147 -10.69 7.24 11.11
CA ALA A 147 -11.84 6.66 11.83
C ALA A 147 -13.09 7.55 11.83
N ARG A 148 -12.95 8.79 11.38
CA ARG A 148 -14.10 9.69 11.35
C ARG A 148 -15.18 9.20 10.40
N ASP A 149 -16.43 9.31 10.82
CA ASP A 149 -17.57 8.93 9.99
C ASP A 149 -17.49 7.48 9.48
N THR A 150 -17.22 6.53 10.38
CA THR A 150 -17.13 5.13 10.01
C THR A 150 -17.91 4.25 10.99
N SER A 151 -18.03 2.98 10.64
CA SER A 151 -18.66 1.97 11.47
C SER A 151 -18.19 0.64 10.91
N SER A 152 -18.73 -0.46 11.41
CA SER A 152 -18.36 -1.78 10.93
C SER A 152 -19.56 -2.43 10.25
N PRO A 153 -19.30 -3.33 9.28
CA PRO A 153 -20.42 -3.99 8.59
C PRO A 153 -21.28 -4.72 9.62
N ARG A 154 -20.63 -5.21 10.67
CA ARG A 154 -21.32 -5.93 11.72
C ARG A 154 -22.19 -5.01 12.58
N ALA A 155 -21.64 -3.88 13.03
CA ALA A 155 -22.39 -2.93 13.85
C ALA A 155 -23.58 -2.37 13.10
N VAL A 156 -23.38 -2.06 11.82
CA VAL A 156 -24.45 -1.55 10.96
C VAL A 156 -25.55 -2.61 10.84
N THR A 157 -25.16 -3.84 10.58
CA THR A 157 -26.11 -4.93 10.43
C THR A 157 -26.91 -5.15 11.71
N GLU A 158 -26.22 -5.17 12.85
CA GLU A 158 -26.88 -5.38 14.13
C GLU A 158 -27.86 -4.24 14.45
N SER A 159 -27.44 -3.00 14.23
CA SER A 159 -28.31 -1.85 14.50
C SER A 159 -29.51 -1.86 13.59
N LEU A 160 -29.29 -2.17 12.31
CA LEU A 160 -30.38 -2.22 11.36
C LEU A 160 -31.42 -3.26 11.83
N GLN A 161 -30.94 -4.39 12.35
CA GLN A 161 -31.79 -5.46 12.83
C GLN A 161 -32.62 -5.01 14.03
N LYS A 162 -31.99 -4.30 14.95
CA LYS A 162 -32.69 -3.79 16.14
C LYS A 162 -33.81 -2.84 15.76
N LEU A 163 -33.51 -1.94 14.83
CA LEU A 163 -34.43 -0.90 14.38
C LEU A 163 -35.57 -1.33 13.46
N THR A 164 -35.32 -2.31 12.58
CA THR A 164 -36.33 -2.79 11.64
C THR A 164 -37.11 -4.00 12.15
N LEU A 165 -36.39 -4.95 12.73
CA LEU A 165 -37.00 -6.19 13.21
C LEU A 165 -37.10 -6.27 14.73
N GLY A 166 -36.06 -5.83 15.43
CA GLY A 166 -36.08 -5.87 16.87
C GLY A 166 -37.01 -4.81 17.43
N SER A 167 -36.86 -4.51 18.72
CA SER A 167 -37.74 -3.53 19.35
C SER A 167 -37.07 -2.20 19.75
N ALA A 168 -36.14 -1.72 18.92
CA ALA A 168 -35.47 -0.46 19.22
C ALA A 168 -36.40 0.71 18.95
N LEU A 169 -37.40 0.47 18.13
CA LEU A 169 -38.41 1.47 17.79
C LEU A 169 -39.77 0.91 18.13
N ALA A 170 -40.71 1.77 18.53
CA ALA A 170 -42.04 1.31 18.85
C ALA A 170 -42.58 0.71 17.55
N ALA A 171 -43.56 -0.18 17.68
CA ALA A 171 -44.14 -0.87 16.53
C ALA A 171 -44.41 0.03 15.32
N PRO A 172 -45.16 1.13 15.52
CA PRO A 172 -45.50 2.06 14.42
C PRO A 172 -44.29 2.66 13.71
N GLN A 173 -43.39 3.25 14.50
CA GLN A 173 -42.18 3.86 13.97
C GLN A 173 -41.35 2.80 13.24
N ARG A 174 -41.37 1.58 13.80
CA ARG A 174 -40.63 0.45 13.24
C ARG A 174 -41.06 0.19 11.78
N GLN A 175 -42.37 0.14 11.56
CA GLN A 175 -42.91 -0.10 10.23
C GLN A 175 -42.67 1.08 9.30
N GLN A 176 -42.62 2.28 9.84
CA GLN A 176 -42.38 3.45 9.00
C GLN A 176 -40.94 3.43 8.48
N PHE A 177 -40.02 2.99 9.31
CA PHE A 177 -38.62 2.91 8.93
C PHE A 177 -38.47 1.87 7.83
N VAL A 178 -39.13 0.73 8.01
CA VAL A 178 -39.11 -0.33 7.02
C VAL A 178 -39.66 0.19 5.70
N ASP A 179 -40.81 0.84 5.74
CA ASP A 179 -41.42 1.37 4.54
C ASP A 179 -40.54 2.42 3.83
N TRP A 180 -39.87 3.29 4.58
CA TRP A 180 -38.99 4.27 3.97
C TRP A 180 -37.81 3.57 3.27
N LEU A 181 -37.25 2.54 3.93
CA LEU A 181 -36.14 1.78 3.35
C LEU A 181 -36.61 0.97 2.13
N LYS A 182 -37.82 0.45 2.18
CA LYS A 182 -38.36 -0.33 1.06
C LYS A 182 -38.50 0.53 -0.17
N GLY A 183 -38.82 1.80 0.04
CA GLY A 183 -39.00 2.74 -1.07
C GLY A 183 -37.74 3.41 -1.57
N ASN A 184 -36.57 2.97 -1.11
CA ASN A 184 -35.31 3.57 -1.58
C ASN A 184 -35.24 3.45 -3.10
N THR A 185 -34.75 4.51 -3.75
CA THR A 185 -34.63 4.57 -5.20
C THR A 185 -33.20 4.52 -5.71
N THR A 186 -32.23 4.55 -4.79
CA THR A 186 -30.82 4.58 -5.17
C THR A 186 -30.00 3.29 -5.14
N GLY A 187 -30.57 2.17 -4.72
CA GLY A 187 -29.77 0.96 -4.63
C GLY A 187 -30.16 -0.21 -5.51
N ASN A 188 -30.72 0.07 -6.68
CA ASN A 188 -31.14 -1.01 -7.58
C ASN A 188 -29.99 -1.85 -8.11
N HIS A 189 -28.78 -1.30 -8.12
CA HIS A 189 -27.62 -2.01 -8.64
C HIS A 189 -26.73 -2.59 -7.55
N ARG A 190 -27.20 -2.56 -6.30
CA ARG A 190 -26.38 -3.09 -5.23
C ARG A 190 -27.00 -4.33 -4.62
N ILE A 191 -27.33 -4.30 -3.33
CA ILE A 191 -27.91 -5.50 -2.72
C ILE A 191 -29.17 -5.97 -3.47
N ARG A 192 -30.03 -5.03 -3.86
CA ARG A 192 -31.25 -5.36 -4.58
C ARG A 192 -30.99 -6.19 -5.84
N ALA A 193 -29.84 -5.98 -6.46
CA ALA A 193 -29.45 -6.69 -7.67
C ALA A 193 -29.09 -8.16 -7.41
N ALA A 194 -28.89 -8.51 -6.14
CA ALA A 194 -28.51 -9.88 -5.77
C ALA A 194 -29.67 -10.80 -5.38
N VAL A 195 -30.87 -10.25 -5.24
CA VAL A 195 -32.02 -11.05 -4.83
C VAL A 195 -33.14 -11.11 -5.87
N PRO A 196 -34.02 -12.12 -5.75
CA PRO A 196 -35.15 -12.28 -6.69
C PRO A 196 -36.02 -11.01 -6.71
N ALA A 197 -37.10 -11.03 -7.48
CA ALA A 197 -38.00 -9.87 -7.57
C ALA A 197 -39.20 -9.97 -6.64
N ASP A 198 -39.52 -11.19 -6.19
CA ASP A 198 -40.65 -11.43 -5.28
C ASP A 198 -40.26 -11.18 -3.83
N TRP A 199 -38.97 -10.94 -3.61
CA TRP A 199 -38.44 -10.69 -2.28
C TRP A 199 -38.58 -9.23 -1.91
N ALA A 200 -39.17 -8.97 -0.75
CA ALA A 200 -39.34 -7.61 -0.26
C ALA A 200 -37.98 -7.19 0.28
N VAL A 201 -37.51 -6.02 -0.17
CA VAL A 201 -36.20 -5.50 0.26
C VAL A 201 -36.23 -4.02 0.62
N GLY A 202 -35.53 -3.68 1.70
CA GLY A 202 -35.42 -2.28 2.11
C GLY A 202 -33.93 -2.01 2.21
N ASP A 203 -33.47 -0.84 1.76
CA ASP A 203 -32.04 -0.57 1.84
C ASP A 203 -31.67 0.91 1.87
N LYS A 204 -30.40 1.17 2.18
CA LYS A 204 -29.85 2.52 2.16
C LYS A 204 -28.42 2.37 1.67
N THR A 205 -28.08 3.14 0.65
CA THR A 205 -26.77 3.12 0.05
C THR A 205 -25.85 4.22 0.59
N GLY A 206 -24.56 4.09 0.30
CA GLY A 206 -23.59 5.08 0.70
C GLY A 206 -22.54 5.16 -0.40
N THR A 207 -22.25 6.37 -0.88
CA THR A 207 -21.24 6.56 -1.93
C THR A 207 -20.42 7.81 -1.61
N CYS A 208 -19.15 7.61 -1.26
CA CYS A 208 -18.26 8.72 -0.92
C CYS A 208 -17.64 9.38 -2.14
N GLY A 209 -17.50 8.63 -3.24
CA GLY A 209 -16.94 9.20 -4.46
C GLY A 209 -15.43 9.26 -4.54
N VAL A 210 -14.74 8.69 -3.56
CA VAL A 210 -13.27 8.66 -3.53
C VAL A 210 -12.82 7.37 -2.87
N TYR A 211 -11.58 6.96 -3.14
CA TYR A 211 -11.03 5.74 -2.57
C TYR A 211 -11.94 4.53 -2.78
N GLY A 212 -12.49 4.40 -3.98
CA GLY A 212 -13.38 3.30 -4.31
C GLY A 212 -14.28 2.94 -3.14
N THR A 213 -14.76 3.95 -2.43
CA THR A 213 -15.60 3.73 -1.24
C THR A 213 -17.10 3.86 -1.45
N ALA A 214 -17.78 2.73 -1.37
CA ALA A 214 -19.22 2.65 -1.56
C ALA A 214 -19.76 1.54 -0.66
N ASN A 215 -21.06 1.58 -0.40
CA ASN A 215 -21.67 0.57 0.45
C ASN A 215 -23.18 0.46 0.28
N ASP A 216 -23.77 -0.41 1.07
CA ASP A 216 -25.22 -0.61 1.05
C ASP A 216 -25.55 -1.60 2.16
N TYR A 217 -26.67 -1.36 2.85
CA TYR A 217 -27.13 -2.27 3.88
C TYR A 217 -28.62 -2.46 3.63
N ALA A 218 -29.10 -3.66 3.89
CA ALA A 218 -30.50 -3.96 3.64
C ALA A 218 -31.08 -5.08 4.51
N VAL A 219 -32.40 -5.16 4.49
CA VAL A 219 -33.13 -6.23 5.17
C VAL A 219 -33.88 -6.84 4.01
N VAL A 220 -33.67 -8.13 3.79
CA VAL A 220 -34.31 -8.85 2.70
C VAL A 220 -35.27 -9.90 3.26
N TRP A 221 -36.50 -9.86 2.77
CA TRP A 221 -37.53 -10.80 3.22
C TRP A 221 -37.73 -11.91 2.19
N PRO A 222 -36.97 -13.02 2.34
CA PRO A 222 -37.07 -14.14 1.41
C PRO A 222 -38.48 -14.74 1.47
N THR A 223 -38.93 -15.30 0.35
CA THR A 223 -40.27 -15.90 0.31
C THR A 223 -40.32 -17.18 1.13
N GLY A 224 -41.25 -17.25 2.08
CA GLY A 224 -41.38 -18.43 2.91
C GLY A 224 -40.28 -18.63 3.94
N ARG A 225 -39.29 -17.76 3.93
CA ARG A 225 -38.17 -17.85 4.88
C ARG A 225 -37.99 -16.53 5.65
N ALA A 226 -37.43 -16.63 6.86
CA ALA A 226 -37.21 -15.46 7.70
C ALA A 226 -36.31 -14.42 7.00
N PRO A 227 -36.45 -13.14 7.39
CA PRO A 227 -35.64 -12.06 6.78
C PRO A 227 -34.15 -12.10 7.10
N ILE A 228 -33.35 -11.60 6.18
CA ILE A 228 -31.92 -11.57 6.35
C ILE A 228 -31.49 -10.12 6.44
N VAL A 229 -30.57 -9.81 7.35
CA VAL A 229 -30.07 -8.45 7.47
C VAL A 229 -28.59 -8.48 7.05
N LEU A 230 -28.22 -7.61 6.12
CA LEU A 230 -26.83 -7.60 5.65
C LEU A 230 -26.27 -6.21 5.37
N ALA A 231 -24.95 -6.13 5.46
CA ALA A 231 -24.22 -4.89 5.19
C ALA A 231 -23.01 -5.23 4.32
N VAL A 232 -22.82 -4.46 3.25
CA VAL A 232 -21.68 -4.65 2.36
C VAL A 232 -21.00 -3.29 2.17
N TYR A 233 -19.74 -3.21 2.62
CA TYR A 233 -18.96 -1.98 2.52
C TYR A 233 -17.65 -2.19 1.77
N THR A 234 -17.22 -1.19 1.01
CA THR A 234 -15.97 -1.29 0.28
C THR A 234 -15.13 -0.02 0.43
N ARG A 235 -13.87 -0.12 0.01
CA ARG A 235 -12.92 0.99 0.04
C ARG A 235 -11.67 0.49 -0.69
N ALA A 236 -10.80 1.42 -1.07
CA ALA A 236 -9.57 1.09 -1.76
C ALA A 236 -8.48 2.05 -1.29
N PRO A 237 -7.19 1.72 -1.53
CA PRO A 237 -6.07 2.55 -1.11
C PRO A 237 -5.78 3.86 -1.87
N ASN A 238 -6.24 3.94 -3.11
CA ASN A 238 -5.99 5.12 -3.92
C ASN A 238 -7.19 6.04 -4.04
N LYS A 239 -6.96 7.33 -3.85
CA LYS A 239 -8.02 8.32 -3.90
C LYS A 239 -8.82 8.28 -5.19
N ASP A 240 -8.17 7.94 -6.29
CA ASP A 240 -8.82 7.86 -7.58
C ASP A 240 -9.43 6.50 -7.86
N ASP A 241 -9.20 5.55 -6.97
CA ASP A 241 -9.78 4.22 -7.15
C ASP A 241 -11.28 4.41 -7.15
N LYS A 242 -11.95 3.84 -8.14
CA LYS A 242 -13.38 3.99 -8.25
C LYS A 242 -14.12 2.85 -7.55
N HIS A 243 -15.31 3.16 -7.02
CA HIS A 243 -16.12 2.15 -6.37
C HIS A 243 -16.81 1.39 -7.48
N SER A 244 -17.48 0.31 -7.13
CA SER A 244 -18.18 -0.53 -8.09
C SER A 244 -19.42 -1.12 -7.45
N GLU A 245 -20.59 -0.79 -8.00
CA GLU A 245 -21.85 -1.32 -7.49
C GLU A 245 -21.95 -2.82 -7.80
N ALA A 246 -21.33 -3.25 -8.89
CA ALA A 246 -21.35 -4.65 -9.28
C ALA A 246 -20.64 -5.49 -8.22
N VAL A 247 -19.55 -4.95 -7.67
CA VAL A 247 -18.80 -5.66 -6.63
C VAL A 247 -19.66 -5.83 -5.39
N ILE A 248 -20.44 -4.79 -5.08
CA ILE A 248 -21.35 -4.80 -3.92
C ILE A 248 -22.46 -5.83 -4.13
N ALA A 249 -23.01 -5.88 -5.33
CA ALA A 249 -24.06 -6.84 -5.64
C ALA A 249 -23.49 -8.25 -5.60
N ALA A 250 -22.26 -8.41 -6.10
CA ALA A 250 -21.61 -9.72 -6.13
C ALA A 250 -21.34 -10.22 -4.72
N ALA A 251 -20.86 -9.32 -3.87
CA ALA A 251 -20.55 -9.65 -2.50
C ALA A 251 -21.83 -10.04 -1.76
N ALA A 252 -22.92 -9.34 -2.09
CA ALA A 252 -24.21 -9.63 -1.47
C ALA A 252 -24.71 -11.02 -1.90
N ARG A 253 -24.45 -11.41 -3.14
CA ARG A 253 -24.87 -12.72 -3.63
C ARG A 253 -24.14 -13.80 -2.85
N LEU A 254 -22.87 -13.57 -2.59
CA LEU A 254 -22.04 -14.50 -1.85
C LEU A 254 -22.53 -14.61 -0.41
N ALA A 255 -22.94 -13.48 0.16
CA ALA A 255 -23.42 -13.48 1.52
C ALA A 255 -24.68 -14.34 1.62
N LEU A 256 -25.63 -14.09 0.72
CA LEU A 256 -26.87 -14.85 0.69
C LEU A 256 -26.59 -16.34 0.46
N GLU A 257 -25.80 -16.64 -0.56
CA GLU A 257 -25.43 -18.03 -0.85
C GLU A 257 -24.82 -18.70 0.38
N GLY A 258 -23.93 -17.98 1.06
CA GLY A 258 -23.30 -18.49 2.26
C GLY A 258 -24.30 -18.91 3.31
N LEU A 259 -25.47 -18.28 3.28
CA LEU A 259 -26.53 -18.60 4.21
C LEU A 259 -27.46 -19.65 3.59
N GLY A 260 -27.09 -20.12 2.40
CA GLY A 260 -27.92 -21.10 1.71
C GLY A 260 -29.19 -20.45 1.23
N VAL A 261 -29.16 -19.12 1.11
CA VAL A 261 -30.30 -18.31 0.69
C VAL A 261 -30.20 -17.95 -0.79
N ALA B 1 30.12 2.31 8.25
CA ALA B 1 30.40 1.22 7.26
C ALA B 1 31.75 0.57 7.57
N GLU B 2 32.76 1.41 7.80
CA GLU B 2 34.08 0.93 8.18
C GLU B 2 33.90 0.28 9.55
N PRO B 3 33.05 0.89 10.41
CA PRO B 3 32.80 0.35 11.76
C PRO B 3 32.12 -1.03 11.69
N PHE B 4 31.16 -1.16 10.77
CA PHE B 4 30.45 -2.43 10.58
C PHE B 4 31.47 -3.46 10.13
N ALA B 5 32.23 -3.11 9.10
CA ALA B 5 33.27 -4.00 8.59
C ALA B 5 34.20 -4.37 9.73
N LYS B 6 34.53 -3.39 10.57
CA LYS B 6 35.41 -3.64 11.71
C LYS B 6 34.76 -4.62 12.66
N LEU B 7 33.55 -4.29 13.13
CA LEU B 7 32.81 -5.14 14.07
C LEU B 7 32.69 -6.60 13.64
N GLU B 8 32.36 -6.83 12.37
CA GLU B 8 32.21 -8.20 11.88
C GLU B 8 33.53 -8.89 11.59
N GLN B 9 34.57 -8.11 11.35
CA GLN B 9 35.87 -8.70 11.07
C GLN B 9 36.55 -9.19 12.35
N ASP B 10 35.87 -9.00 13.49
CA ASP B 10 36.39 -9.45 14.78
C ASP B 10 35.36 -10.40 15.37
N PHE B 11 34.27 -10.57 14.62
CA PHE B 11 33.18 -11.45 15.00
C PHE B 11 33.57 -12.87 14.57
N GLY B 12 33.90 -13.00 13.28
CA GLY B 12 34.29 -14.29 12.74
C GLY B 12 33.38 -14.66 11.58
N GLY B 13 32.44 -13.76 11.28
CA GLY B 13 31.51 -13.99 10.20
C GLY B 13 30.98 -12.68 9.62
N SER B 14 29.88 -12.79 8.87
CA SER B 14 29.25 -11.63 8.24
C SER B 14 28.15 -11.01 9.08
N ILE B 15 27.82 -9.77 8.77
CA ILE B 15 26.78 -9.05 9.50
C ILE B 15 25.96 -8.22 8.52
N GLY B 16 24.64 -8.30 8.67
CA GLY B 16 23.72 -7.55 7.83
C GLY B 16 22.89 -6.61 8.67
N VAL B 17 22.85 -5.34 8.28
CA VAL B 17 22.11 -4.34 9.03
C VAL B 17 21.29 -3.42 8.13
N TYR B 18 20.15 -2.98 8.65
CA TYR B 18 19.29 -2.04 7.95
C TYR B 18 18.39 -1.35 8.94
N ALA B 19 18.48 -0.03 8.97
CA ALA B 19 17.68 0.81 9.85
C ALA B 19 17.18 2.01 9.08
N MET B 20 15.98 2.46 9.42
CA MET B 20 15.39 3.61 8.75
C MET B 20 14.59 4.42 9.77
N ASP B 21 14.97 5.69 9.95
CA ASP B 21 14.24 6.58 10.85
C ASP B 21 13.04 6.98 9.98
N THR B 22 11.85 6.60 10.42
CA THR B 22 10.64 6.89 9.66
C THR B 22 10.41 8.38 9.42
N GLY B 23 10.85 9.22 10.34
CA GLY B 23 10.67 10.66 10.16
C GLY B 23 11.51 11.22 9.02
N SER B 24 12.83 11.17 9.19
CA SER B 24 13.75 11.68 8.17
C SER B 24 13.82 10.79 6.95
N GLY B 25 13.87 9.48 7.19
CA GLY B 25 13.94 8.54 6.09
C GLY B 25 15.38 8.08 5.97
N ALA B 26 16.27 8.75 6.69
CA ALA B 26 17.69 8.42 6.70
C ALA B 26 17.88 6.95 6.99
N THR B 27 18.54 6.25 6.07
CA THR B 27 18.76 4.82 6.22
C THR B 27 20.23 4.40 6.33
N VAL B 28 20.44 3.28 7.03
CA VAL B 28 21.74 2.68 7.22
C VAL B 28 21.58 1.34 6.53
N SER B 29 22.39 1.07 5.52
CA SER B 29 22.29 -0.17 4.76
C SER B 29 23.65 -0.85 4.61
N TYR B 30 23.85 -1.96 5.31
CA TYR B 30 25.11 -2.70 5.27
C TYR B 30 24.85 -4.20 5.08
N ARG B 31 25.19 -4.73 3.91
CA ARG B 31 24.93 -6.14 3.59
C ARG B 31 23.44 -6.32 3.85
N ALA B 32 22.74 -5.19 3.75
CA ALA B 32 21.30 -5.12 4.00
C ALA B 32 20.47 -5.97 3.06
N GLU B 33 21.05 -6.39 1.95
CA GLU B 33 20.30 -7.20 1.01
C GLU B 33 20.89 -8.58 0.83
N GLU B 34 21.77 -8.97 1.74
CA GLU B 34 22.35 -10.30 1.72
C GLU B 34 21.39 -11.19 2.50
N ARG B 35 21.35 -12.47 2.16
CA ARG B 35 20.48 -13.39 2.86
C ARG B 35 21.13 -13.94 4.10
N PHE B 36 20.34 -14.01 5.17
CA PHE B 36 20.77 -14.54 6.45
C PHE B 36 19.62 -15.40 6.92
N PRO B 37 19.92 -16.53 7.58
CA PRO B 37 18.82 -17.39 8.06
C PRO B 37 17.92 -16.54 8.97
N LEU B 38 16.63 -16.80 8.95
CA LEU B 38 15.68 -16.07 9.79
C LEU B 38 15.67 -16.61 11.20
N CYS B 39 15.95 -17.90 11.33
CA CYS B 39 15.92 -18.61 12.60
C CYS B 39 14.58 -18.33 13.27
N SER B 40 14.60 -18.04 14.56
CA SER B 40 13.39 -17.79 15.32
C SER B 40 12.63 -16.52 14.95
N SER B 41 13.31 -15.60 14.28
CA SER B 41 12.70 -14.32 13.93
C SER B 41 11.45 -14.34 13.04
N PHE B 42 11.08 -15.51 12.51
CA PHE B 42 9.88 -15.59 11.65
C PHE B 42 8.59 -15.55 12.49
N LYS B 43 8.71 -15.87 13.78
CA LYS B 43 7.57 -15.89 14.68
C LYS B 43 6.89 -14.53 14.84
N GLY B 44 7.65 -13.45 14.69
CA GLY B 44 7.07 -12.12 14.79
C GLY B 44 6.14 -11.92 13.60
N PHE B 45 6.64 -12.22 12.41
CA PHE B 45 5.83 -12.10 11.20
C PHE B 45 4.68 -13.12 11.21
N LEU B 46 4.90 -14.26 11.86
CA LEU B 46 3.86 -15.28 11.95
C LEU B 46 2.66 -14.69 12.69
N ALA B 47 2.92 -13.97 13.78
CA ALA B 47 1.86 -13.36 14.57
C ALA B 47 1.13 -12.28 13.79
N ALA B 48 1.85 -11.56 12.94
CA ALA B 48 1.25 -10.52 12.11
C ALA B 48 0.34 -11.19 11.07
N ALA B 49 0.74 -12.37 10.60
CA ALA B 49 -0.07 -13.10 9.64
C ALA B 49 -1.38 -13.54 10.32
N VAL B 50 -1.29 -13.96 11.57
CA VAL B 50 -2.47 -14.39 12.32
C VAL B 50 -3.42 -13.22 12.55
N LEU B 51 -2.86 -12.06 12.88
CA LEU B 51 -3.65 -10.85 13.09
C LEU B 51 -4.36 -10.43 11.82
N ALA B 52 -3.65 -10.53 10.69
CA ALA B 52 -4.23 -10.18 9.40
C ALA B 52 -5.45 -11.07 9.10
N ARG B 53 -5.31 -12.36 9.36
CA ARG B 53 -6.40 -13.26 9.09
C ARG B 53 -7.49 -13.11 10.12
N SER B 54 -7.17 -12.50 11.26
CA SER B 54 -8.17 -12.28 12.31
C SER B 54 -9.15 -11.18 11.88
N GLN B 55 -8.73 -10.36 10.91
CA GLN B 55 -9.59 -9.30 10.41
C GLN B 55 -10.61 -9.95 9.49
N GLN B 56 -10.13 -10.87 8.67
CA GLN B 56 -10.99 -11.59 7.73
C GLN B 56 -11.96 -12.49 8.46
N GLN B 57 -11.39 -13.40 9.26
CA GLN B 57 -12.14 -14.39 10.03
C GLN B 57 -12.43 -14.00 11.47
N ALA B 58 -13.70 -13.86 11.78
CA ALA B 58 -14.17 -13.48 13.10
C ALA B 58 -13.81 -14.46 14.22
N GLY B 59 -13.45 -13.90 15.38
CA GLY B 59 -13.11 -14.69 16.54
C GLY B 59 -11.97 -15.68 16.36
N LEU B 60 -11.01 -15.35 15.50
CA LEU B 60 -9.87 -16.24 15.26
C LEU B 60 -8.94 -16.34 16.47
N LEU B 61 -8.67 -15.20 17.12
CA LEU B 61 -7.75 -15.20 18.26
C LEU B 61 -8.29 -15.95 19.49
N ASP B 62 -9.61 -16.10 19.56
CA ASP B 62 -10.25 -16.81 20.69
C ASP B 62 -10.31 -18.33 20.51
N THR B 63 -10.11 -18.78 19.28
CA THR B 63 -10.18 -20.21 18.99
C THR B 63 -9.23 -21.02 19.84
N PRO B 64 -9.77 -21.93 20.66
CA PRO B 64 -8.93 -22.78 21.52
C PRO B 64 -8.26 -23.89 20.72
N ILE B 65 -6.96 -24.07 20.93
CA ILE B 65 -6.22 -25.11 20.25
C ILE B 65 -5.69 -26.10 21.28
N ARG B 66 -6.11 -27.35 21.13
CA ARG B 66 -5.66 -28.41 22.02
C ARG B 66 -4.53 -29.10 21.27
N TYR B 67 -3.48 -29.48 21.98
CA TYR B 67 -2.35 -30.14 21.36
C TYR B 67 -1.85 -31.24 22.29
N GLY B 68 -0.98 -32.11 21.77
CA GLY B 68 -0.45 -33.19 22.58
C GLY B 68 1.05 -33.14 22.76
N LYS B 69 1.57 -34.03 23.59
CA LYS B 69 3.00 -34.12 23.88
C LYS B 69 3.83 -34.02 22.59
N ASN B 70 3.39 -34.73 21.56
CA ASN B 70 4.06 -34.74 20.25
C ASN B 70 4.30 -33.34 19.70
N ALA B 71 3.48 -32.37 20.09
CA ALA B 71 3.63 -31.01 19.62
C ALA B 71 4.73 -30.29 20.43
N LEU B 72 5.15 -30.90 21.53
CA LEU B 72 6.16 -30.31 22.40
C LEU B 72 7.61 -30.55 22.01
N VAL B 73 8.13 -29.68 21.16
CA VAL B 73 9.52 -29.80 20.72
C VAL B 73 10.41 -28.93 21.61
N PRO B 74 11.74 -29.02 21.46
CA PRO B 74 12.62 -28.20 22.31
C PRO B 74 12.20 -26.73 22.30
N TRP B 75 12.41 -26.07 23.44
CA TRP B 75 12.06 -24.67 23.68
C TRP B 75 10.62 -24.28 23.36
N SER B 76 9.71 -24.87 24.11
CA SER B 76 8.29 -24.61 24.02
C SER B 76 7.88 -24.51 25.49
N PRO B 77 8.46 -23.56 26.25
CA PRO B 77 8.17 -23.37 27.67
C PRO B 77 6.72 -23.01 28.03
N ILE B 78 6.05 -22.21 27.20
CA ILE B 78 4.68 -21.85 27.50
C ILE B 78 3.75 -23.02 27.14
N SER B 79 3.99 -23.61 25.98
CA SER B 79 3.20 -24.74 25.50
C SER B 79 3.17 -25.89 26.51
N GLU B 80 4.34 -26.30 27.01
CA GLU B 80 4.35 -27.39 27.97
C GLU B 80 3.61 -27.07 29.26
N LYS B 81 3.55 -25.79 29.64
CA LYS B 81 2.81 -25.39 30.85
C LYS B 81 1.30 -25.58 30.68
N TYR B 82 0.78 -25.20 29.53
CA TYR B 82 -0.66 -25.31 29.28
C TYR B 82 -1.08 -26.55 28.51
N LEU B 83 -0.21 -27.54 28.50
CA LEU B 83 -0.47 -28.81 27.81
C LEU B 83 -1.84 -29.43 28.11
N THR B 84 -2.22 -29.38 29.38
CA THR B 84 -3.48 -29.95 29.85
C THR B 84 -4.75 -29.20 29.47
N THR B 85 -4.64 -27.91 29.17
CA THR B 85 -5.84 -27.13 28.81
C THR B 85 -5.81 -26.63 27.38
N GLY B 86 -4.63 -26.59 26.77
CA GLY B 86 -4.50 -26.08 25.42
C GLY B 86 -4.36 -24.57 25.48
N MET B 87 -4.21 -23.93 24.33
CA MET B 87 -4.08 -22.47 24.28
C MET B 87 -4.90 -21.91 23.12
N THR B 88 -5.38 -20.68 23.28
CA THR B 88 -6.15 -20.01 22.24
C THR B 88 -5.13 -19.48 21.24
N VAL B 89 -5.61 -19.12 20.05
CA VAL B 89 -4.72 -18.59 19.02
C VAL B 89 -3.99 -17.33 19.51
N ALA B 90 -4.63 -16.59 20.40
CA ALA B 90 -4.04 -15.36 20.93
C ALA B 90 -2.89 -15.67 21.90
N GLU B 91 -3.13 -16.64 22.78
CA GLU B 91 -2.14 -17.05 23.77
C GLU B 91 -0.95 -17.69 23.07
N LEU B 92 -1.22 -18.47 22.02
CA LEU B 92 -0.17 -19.11 21.25
C LEU B 92 0.67 -18.03 20.56
N SER B 93 0.01 -16.98 20.09
CA SER B 93 0.69 -15.87 19.42
C SER B 93 1.60 -15.13 20.38
N ALA B 94 1.08 -14.82 21.57
CA ALA B 94 1.88 -14.12 22.57
C ALA B 94 3.10 -14.98 22.94
N ALA B 95 2.89 -16.28 23.12
CA ALA B 95 3.96 -17.20 23.45
C ALA B 95 5.02 -17.25 22.34
N ALA B 96 4.58 -17.44 21.10
CA ALA B 96 5.51 -17.49 19.99
C ALA B 96 6.37 -16.22 19.91
N VAL B 97 5.73 -15.07 20.01
CA VAL B 97 6.43 -13.80 19.93
C VAL B 97 7.25 -13.40 21.16
N GLN B 98 6.66 -13.55 22.34
CA GLN B 98 7.33 -13.15 23.56
C GLN B 98 8.30 -14.14 24.21
N TYR B 99 8.15 -15.42 23.88
CA TYR B 99 9.01 -16.45 24.44
C TYR B 99 9.64 -17.34 23.34
N SER B 100 9.35 -17.00 22.09
CA SER B 100 9.89 -17.76 20.98
C SER B 100 9.52 -19.23 21.14
N ASP B 101 8.30 -19.47 21.62
CA ASP B 101 7.82 -20.82 21.83
C ASP B 101 7.71 -21.56 20.50
N ASN B 102 8.44 -22.66 20.37
CA ASN B 102 8.44 -23.44 19.12
C ASN B 102 7.13 -24.21 18.86
N ALA B 103 6.63 -24.90 19.88
CA ALA B 103 5.39 -25.62 19.71
C ALA B 103 4.31 -24.66 19.26
N ALA B 104 4.22 -23.51 19.94
CA ALA B 104 3.24 -22.46 19.64
C ALA B 104 3.35 -21.96 18.21
N ALA B 105 4.58 -21.75 17.75
CA ALA B 105 4.87 -21.29 16.41
C ALA B 105 4.38 -22.30 15.36
N ASN B 106 4.71 -23.57 15.57
CA ASN B 106 4.29 -24.61 14.62
C ASN B 106 2.78 -24.81 14.58
N LEU B 107 2.12 -24.60 15.71
CA LEU B 107 0.67 -24.76 15.76
C LEU B 107 0.01 -23.65 14.94
N LEU B 108 0.52 -22.44 15.06
CA LEU B 108 -0.01 -21.29 14.31
C LEU B 108 0.30 -21.48 12.83
N LEU B 109 1.52 -21.93 12.54
CA LEU B 109 1.95 -22.18 11.16
C LEU B 109 0.98 -23.15 10.52
N LYS B 110 0.62 -24.20 11.27
CA LYS B 110 -0.31 -25.18 10.74
C LYS B 110 -1.67 -24.53 10.44
N GLU B 111 -2.09 -23.59 11.29
CA GLU B 111 -3.37 -22.92 11.09
C GLU B 111 -3.31 -21.95 9.92
N LEU B 112 -2.10 -21.55 9.53
CA LEU B 112 -1.95 -20.62 8.43
C LEU B 112 -1.54 -21.23 7.10
N GLY B 113 -1.33 -22.53 7.07
CA GLY B 113 -0.95 -23.19 5.83
C GLY B 113 0.51 -23.58 5.81
N GLY B 114 1.10 -23.70 7.01
CA GLY B 114 2.49 -24.07 7.11
C GLY B 114 3.43 -22.97 6.65
N PRO B 115 4.71 -23.29 6.48
CA PRO B 115 5.68 -22.29 6.03
C PRO B 115 5.26 -21.61 4.72
N ALA B 116 4.78 -22.40 3.76
CA ALA B 116 4.34 -21.86 2.48
C ALA B 116 3.22 -20.82 2.68
N GLY B 117 2.32 -21.11 3.61
CA GLY B 117 1.23 -20.18 3.89
C GLY B 117 1.71 -18.88 4.49
N LEU B 118 2.75 -18.92 5.31
CA LEU B 118 3.28 -17.71 5.92
C LEU B 118 4.03 -16.93 4.85
N THR B 119 4.78 -17.65 4.01
CA THR B 119 5.56 -17.03 2.94
C THR B 119 4.60 -16.31 1.99
N ALA B 120 3.42 -16.89 1.81
CA ALA B 120 2.41 -16.32 0.93
C ALA B 120 1.90 -15.01 1.50
N PHE B 121 1.69 -14.96 2.82
CA PHE B 121 1.22 -13.74 3.49
C PHE B 121 2.21 -12.60 3.32
N MET B 122 3.50 -12.94 3.36
CA MET B 122 4.55 -11.96 3.22
C MET B 122 4.61 -11.43 1.79
N ARG B 123 4.33 -12.30 0.81
CA ARG B 123 4.32 -11.88 -0.60
C ARG B 123 3.11 -10.97 -0.81
N SER B 124 2.12 -11.09 0.07
CA SER B 124 0.90 -10.29 -0.01
C SER B 124 1.12 -8.84 0.39
N ILE B 125 2.08 -8.58 1.26
CA ILE B 125 2.36 -7.20 1.67
C ILE B 125 3.52 -6.62 0.87
N GLY B 126 3.96 -7.37 -0.15
CA GLY B 126 5.04 -6.91 -1.00
C GLY B 126 6.44 -7.41 -0.68
N ASP B 127 6.55 -8.46 0.11
CA ASP B 127 7.87 -9.00 0.47
C ASP B 127 8.22 -10.20 -0.40
N THR B 128 9.23 -10.05 -1.25
CA THR B 128 9.63 -11.11 -2.16
C THR B 128 10.95 -11.77 -1.75
N THR B 129 11.55 -11.26 -0.69
CA THR B 129 12.81 -11.80 -0.19
C THR B 129 12.48 -12.92 0.78
N PHE B 130 11.56 -12.62 1.71
CA PHE B 130 11.13 -13.56 2.74
C PHE B 130 10.75 -14.94 2.18
N ARG B 131 11.27 -15.97 2.82
CA ARG B 131 10.94 -17.33 2.42
C ARG B 131 11.10 -18.31 3.58
N LEU B 132 9.98 -18.92 3.96
CA LEU B 132 10.00 -19.92 5.02
C LEU B 132 9.63 -21.24 4.34
N ASP B 133 10.57 -22.17 4.37
CA ASP B 133 10.43 -23.48 3.76
C ASP B 133 10.14 -24.59 4.78
N ARG B 134 10.79 -24.51 5.93
CA ARG B 134 10.62 -25.53 6.95
C ARG B 134 9.97 -25.00 8.22
N TRP B 135 9.71 -25.91 9.16
CA TRP B 135 9.09 -25.60 10.45
C TRP B 135 10.18 -25.55 11.52
N GLU B 136 9.84 -25.30 12.78
CA GLU B 136 10.82 -25.32 13.88
C GLU B 136 10.90 -26.81 14.26
N LEU B 137 12.09 -27.33 14.53
CA LEU B 137 13.32 -26.56 14.51
C LEU B 137 14.24 -26.88 13.31
N GLU B 138 13.72 -27.52 12.24
CA GLU B 138 14.55 -27.84 11.08
C GLU B 138 15.03 -26.59 10.33
N LEU B 139 14.24 -25.51 10.36
CA LEU B 139 14.61 -24.26 9.69
C LEU B 139 15.92 -23.65 10.22
N ASN B 140 16.42 -24.16 11.34
CA ASN B 140 17.65 -23.63 11.94
C ASN B 140 19.00 -24.17 11.47
N SER B 141 19.00 -24.94 10.38
CA SER B 141 20.24 -25.51 9.86
C SER B 141 21.31 -24.43 9.60
N ALA B 142 20.90 -23.29 9.04
CA ALA B 142 21.81 -22.17 8.79
C ALA B 142 23.11 -22.56 8.06
N ILE B 143 22.99 -23.35 6.98
CA ILE B 143 24.14 -23.78 6.19
C ILE B 143 24.55 -22.66 5.25
N PRO B 144 25.82 -22.24 5.30
CA PRO B 144 26.27 -21.16 4.42
C PRO B 144 25.90 -21.43 2.96
N GLY B 145 25.34 -20.42 2.31
CA GLY B 145 24.95 -20.57 0.93
C GLY B 145 23.57 -21.16 0.74
N ASP B 146 22.92 -21.58 1.83
CA ASP B 146 21.58 -22.15 1.74
C ASP B 146 20.54 -21.02 1.83
N ALA B 147 19.73 -20.88 0.78
CA ALA B 147 18.72 -19.82 0.75
C ALA B 147 17.41 -20.15 1.43
N ARG B 148 17.26 -21.41 1.88
CA ARG B 148 16.04 -21.83 2.56
C ARG B 148 15.90 -21.16 3.92
N ASP B 149 14.68 -20.70 4.21
CA ASP B 149 14.39 -20.06 5.49
C ASP B 149 15.29 -18.86 5.75
N THR B 150 15.28 -17.91 4.80
CA THR B 150 16.11 -16.72 4.90
C THR B 150 15.42 -15.45 4.39
N SER B 151 16.12 -14.34 4.54
CA SER B 151 15.65 -13.05 4.06
C SER B 151 16.83 -12.11 4.29
N SER B 152 16.60 -10.81 4.09
CA SER B 152 17.67 -9.82 4.28
C SER B 152 17.18 -8.83 5.32
N PRO B 153 18.12 -8.16 6.04
CA PRO B 153 17.66 -7.20 7.04
C PRO B 153 16.77 -6.09 6.44
N ARG B 154 17.03 -5.75 5.20
CA ARG B 154 16.25 -4.71 4.52
C ARG B 154 14.79 -5.10 4.37
N ALA B 155 14.55 -6.29 3.82
CA ALA B 155 13.19 -6.80 3.61
C ALA B 155 12.46 -6.94 4.94
N VAL B 156 13.16 -7.43 5.95
CA VAL B 156 12.58 -7.59 7.28
C VAL B 156 12.14 -6.23 7.81
N THR B 157 13.05 -5.26 7.80
CA THR B 157 12.76 -3.92 8.28
C THR B 157 11.64 -3.28 7.47
N GLU B 158 11.67 -3.48 6.17
CA GLU B 158 10.63 -2.91 5.31
C GLU B 158 9.27 -3.50 5.67
N SER B 159 9.21 -4.81 5.86
CA SER B 159 7.95 -5.45 6.20
C SER B 159 7.54 -5.17 7.64
N LEU B 160 8.51 -5.06 8.54
CA LEU B 160 8.21 -4.76 9.93
C LEU B 160 7.52 -3.41 10.03
N GLN B 161 7.99 -2.45 9.25
CA GLN B 161 7.43 -1.12 9.24
C GLN B 161 5.99 -1.12 8.74
N LYS B 162 5.74 -1.86 7.66
CA LYS B 162 4.42 -1.97 7.09
C LYS B 162 3.42 -2.49 8.11
N LEU B 163 3.88 -3.43 8.92
CA LEU B 163 3.06 -4.08 9.93
C LEU B 163 2.92 -3.34 11.25
N THR B 164 3.96 -2.66 11.69
CA THR B 164 3.93 -1.94 12.96
C THR B 164 3.66 -0.44 12.88
N LEU B 165 3.78 0.14 11.69
CA LEU B 165 3.55 1.58 11.54
C LEU B 165 2.73 1.89 10.28
N GLY B 166 2.83 1.01 9.28
CA GLY B 166 2.12 1.23 8.04
C GLY B 166 0.67 0.78 8.06
N SER B 167 0.15 0.36 6.90
CA SER B 167 -1.23 -0.09 6.84
C SER B 167 -1.40 -1.55 6.45
N ALA B 168 -0.34 -2.33 6.65
CA ALA B 168 -0.39 -3.76 6.33
C ALA B 168 -1.51 -4.38 7.15
N LEU B 169 -1.63 -3.93 8.39
CA LEU B 169 -2.68 -4.43 9.29
C LEU B 169 -3.59 -3.28 9.68
N ALA B 170 -4.81 -3.61 10.09
CA ALA B 170 -5.77 -2.61 10.52
C ALA B 170 -5.22 -1.99 11.79
N ALA B 171 -5.67 -0.78 12.10
CA ALA B 171 -5.22 -0.05 13.27
C ALA B 171 -5.21 -0.84 14.59
N PRO B 172 -6.31 -1.59 14.89
CA PRO B 172 -6.37 -2.39 16.13
C PRO B 172 -5.36 -3.55 16.13
N GLN B 173 -5.35 -4.31 15.04
CA GLN B 173 -4.45 -5.44 14.89
C GLN B 173 -3.00 -4.91 14.93
N ARG B 174 -2.79 -3.74 14.35
CA ARG B 174 -1.47 -3.15 14.32
C ARG B 174 -0.98 -2.78 15.72
N GLN B 175 -1.90 -2.37 16.59
CA GLN B 175 -1.52 -2.01 17.95
C GLN B 175 -1.26 -3.29 18.76
N GLN B 176 -2.01 -4.34 18.46
CA GLN B 176 -1.82 -5.60 19.15
C GLN B 176 -0.46 -6.18 18.77
N PHE B 177 -0.12 -6.16 17.48
CA PHE B 177 1.17 -6.67 17.02
C PHE B 177 2.27 -5.95 17.78
N VAL B 178 2.17 -4.63 17.85
CA VAL B 178 3.15 -3.82 18.56
C VAL B 178 3.23 -4.18 20.04
N ASP B 179 2.08 -4.42 20.68
CA ASP B 179 2.07 -4.78 22.10
C ASP B 179 2.76 -6.12 22.35
N TRP B 180 2.56 -7.08 21.46
CA TRP B 180 3.20 -8.38 21.61
C TRP B 180 4.71 -8.20 21.49
N LEU B 181 5.14 -7.40 20.52
CA LEU B 181 6.57 -7.13 20.32
C LEU B 181 7.18 -6.39 21.50
N LYS B 182 6.44 -5.43 22.07
CA LYS B 182 6.94 -4.67 23.20
C LYS B 182 7.16 -5.61 24.39
N GLY B 183 6.32 -6.64 24.47
CA GLY B 183 6.41 -7.61 25.53
C GLY B 183 7.43 -8.73 25.38
N ASN B 184 8.21 -8.75 24.30
CA ASN B 184 9.20 -9.82 24.13
C ASN B 184 10.18 -9.91 25.33
N THR B 185 10.48 -11.14 25.74
CA THR B 185 11.37 -11.37 26.88
C THR B 185 12.76 -11.92 26.50
N THR B 186 13.01 -12.14 25.22
CA THR B 186 14.28 -12.71 24.79
C THR B 186 15.30 -11.77 24.14
N GLY B 187 14.96 -10.49 24.01
CA GLY B 187 15.89 -9.57 23.34
C GLY B 187 16.53 -8.45 24.13
N ASN B 188 16.65 -8.61 25.44
CA ASN B 188 17.24 -7.57 26.28
C ASN B 188 18.71 -7.30 25.99
N HIS B 189 19.43 -8.32 25.53
CA HIS B 189 20.85 -8.16 25.25
C HIS B 189 21.16 -7.84 23.80
N ARG B 190 20.13 -7.63 23.00
CA ARG B 190 20.33 -7.32 21.59
C ARG B 190 19.95 -5.87 21.29
N ILE B 191 19.08 -5.63 20.31
CA ILE B 191 18.73 -4.26 19.98
C ILE B 191 18.29 -3.40 21.16
N ARG B 192 17.61 -3.98 22.14
CA ARG B 192 17.16 -3.22 23.30
C ARG B 192 18.34 -2.68 24.11
N ALA B 193 19.44 -3.43 24.10
CA ALA B 193 20.65 -3.07 24.84
C ALA B 193 21.34 -1.84 24.26
N ALA B 194 20.98 -1.48 23.03
CA ALA B 194 21.58 -0.32 22.39
C ALA B 194 20.75 0.94 22.50
N VAL B 195 19.65 0.89 23.26
CA VAL B 195 18.78 2.06 23.40
C VAL B 195 18.51 2.44 24.85
N PRO B 196 18.13 3.70 25.10
CA PRO B 196 17.84 4.17 26.47
C PRO B 196 16.56 3.50 27.00
N ALA B 197 16.23 3.74 28.26
CA ALA B 197 15.04 3.14 28.85
C ALA B 197 13.78 4.00 28.73
N ASP B 198 13.94 5.23 28.26
CA ASP B 198 12.79 6.12 28.10
C ASP B 198 12.08 5.81 26.80
N TRP B 199 12.74 5.01 25.96
CA TRP B 199 12.20 4.65 24.67
C TRP B 199 11.47 3.32 24.66
N ALA B 200 10.22 3.34 24.21
CA ALA B 200 9.42 2.13 24.11
C ALA B 200 10.03 1.34 22.96
N VAL B 201 10.27 0.05 23.21
CA VAL B 201 10.86 -0.80 22.18
C VAL B 201 10.02 -2.05 22.00
N GLY B 202 10.05 -2.58 20.80
CA GLY B 202 9.33 -3.79 20.48
C GLY B 202 10.25 -4.59 19.59
N ASP B 203 10.42 -5.89 19.86
CA ASP B 203 11.30 -6.70 19.02
C ASP B 203 10.98 -8.19 19.02
N LYS B 204 11.68 -8.90 18.13
CA LYS B 204 11.60 -10.34 17.99
C LYS B 204 13.00 -10.77 17.59
N THR B 205 13.56 -11.69 18.35
CA THR B 205 14.91 -12.20 18.16
C THR B 205 14.94 -13.49 17.33
N GLY B 206 16.13 -13.89 16.91
CA GLY B 206 16.28 -15.13 16.16
C GLY B 206 17.60 -15.75 16.51
N THR B 207 17.63 -17.07 16.71
CA THR B 207 18.87 -17.77 17.04
C THR B 207 18.79 -19.19 16.50
N CYS B 208 19.68 -19.51 15.57
CA CYS B 208 19.74 -20.83 14.95
C CYS B 208 20.57 -21.82 15.77
N GLY B 209 21.46 -21.31 16.62
CA GLY B 209 22.29 -22.16 17.44
C GLY B 209 23.48 -22.79 16.74
N VAL B 210 23.69 -22.43 15.47
CA VAL B 210 24.79 -22.96 14.66
C VAL B 210 25.31 -21.90 13.68
N TYR B 211 26.58 -22.01 13.30
CA TYR B 211 27.20 -21.07 12.36
C TYR B 211 27.14 -19.62 12.84
N GLY B 212 27.38 -19.40 14.12
CA GLY B 212 27.34 -18.05 14.65
C GLY B 212 26.17 -17.25 14.11
N THR B 213 25.10 -17.97 13.76
CA THR B 213 23.90 -17.35 13.20
C THR B 213 22.92 -16.94 14.29
N ALA B 214 22.52 -15.68 14.25
CA ALA B 214 21.60 -15.09 15.20
C ALA B 214 21.10 -13.77 14.62
N ASN B 215 20.05 -13.21 15.21
CA ASN B 215 19.51 -11.95 14.69
C ASN B 215 18.48 -11.29 15.60
N ASP B 216 17.96 -10.16 15.16
CA ASP B 216 16.97 -9.42 15.93
C ASP B 216 16.50 -8.25 15.08
N TYR B 217 15.23 -7.88 15.21
CA TYR B 217 14.68 -6.73 14.49
C TYR B 217 13.73 -6.05 15.47
N ALA B 218 13.60 -4.73 15.36
CA ALA B 218 12.73 -4.01 16.29
C ALA B 218 12.24 -2.65 15.81
N VAL B 219 11.28 -2.11 16.55
CA VAL B 219 10.71 -0.80 16.29
C VAL B 219 10.97 0.00 17.56
N VAL B 220 11.71 1.09 17.44
CA VAL B 220 12.05 1.92 18.58
C VAL B 220 11.39 3.28 18.50
N TRP B 221 10.82 3.74 19.62
CA TRP B 221 10.15 5.04 19.68
C TRP B 221 10.99 6.09 20.41
N PRO B 222 11.90 6.78 19.69
CA PRO B 222 12.75 7.81 20.30
C PRO B 222 11.94 8.94 20.91
N THR B 223 12.32 9.37 22.10
CA THR B 223 11.64 10.46 22.78
C THR B 223 11.76 11.73 21.95
N GLY B 224 10.61 12.24 21.48
CA GLY B 224 10.61 13.45 20.68
C GLY B 224 11.04 13.27 19.24
N ARG B 225 11.11 12.02 18.79
CA ARG B 225 11.50 11.73 17.42
C ARG B 225 10.73 10.52 16.88
N ALA B 226 10.40 10.58 15.59
CA ALA B 226 9.68 9.50 14.92
C ALA B 226 10.26 8.13 15.27
N PRO B 227 9.44 7.07 15.14
CA PRO B 227 9.85 5.68 15.44
C PRO B 227 10.94 5.20 14.47
N ILE B 228 11.84 4.36 14.97
CA ILE B 228 12.91 3.81 14.14
C ILE B 228 12.80 2.29 14.03
N VAL B 229 12.77 1.80 12.80
CA VAL B 229 12.66 0.37 12.53
C VAL B 229 13.99 -0.17 12.03
N LEU B 230 14.51 -1.20 12.70
CA LEU B 230 15.78 -1.80 12.30
C LEU B 230 15.91 -3.32 12.48
N ALA B 231 16.78 -3.91 11.66
CA ALA B 231 17.04 -5.35 11.71
C ALA B 231 18.56 -5.58 11.72
N VAL B 232 19.00 -6.54 12.51
CA VAL B 232 20.42 -6.88 12.61
C VAL B 232 20.55 -8.41 12.52
N TYR B 233 21.13 -8.89 11.42
CA TYR B 233 21.32 -10.31 11.19
C TYR B 233 22.79 -10.71 11.13
N THR B 234 23.10 -11.92 11.55
CA THR B 234 24.49 -12.37 11.53
C THR B 234 24.62 -13.83 11.12
N ARG B 235 25.85 -14.26 10.87
CA ARG B 235 26.15 -15.63 10.49
C ARG B 235 27.67 -15.78 10.39
N ALA B 236 28.15 -17.01 10.55
CA ALA B 236 29.57 -17.28 10.48
C ALA B 236 29.82 -18.45 9.52
N PRO B 237 31.07 -18.60 9.05
CA PRO B 237 31.46 -19.66 8.11
C PRO B 237 31.47 -21.10 8.66
N ASN B 238 31.77 -21.25 9.95
CA ASN B 238 31.83 -22.57 10.55
C ASN B 238 30.57 -22.94 11.33
N LYS B 239 30.27 -24.24 11.38
CA LYS B 239 29.09 -24.71 12.08
C LYS B 239 29.25 -24.56 13.58
N ASP B 240 30.47 -24.79 14.07
CA ASP B 240 30.74 -24.70 15.50
C ASP B 240 30.94 -23.27 15.99
N ASP B 241 30.89 -22.30 15.08
CA ASP B 241 31.05 -20.91 15.48
C ASP B 241 29.90 -20.51 16.40
N LYS B 242 30.18 -19.56 17.28
CA LYS B 242 29.15 -19.08 18.20
C LYS B 242 28.68 -17.71 17.74
N HIS B 243 27.39 -17.44 17.92
CA HIS B 243 26.85 -16.15 17.54
C HIS B 243 27.15 -15.23 18.71
N SER B 244 26.92 -13.94 18.52
CA SER B 244 27.19 -12.99 19.59
C SER B 244 26.07 -11.97 19.75
N GLU B 245 25.59 -11.82 20.98
CA GLU B 245 24.55 -10.85 21.28
C GLU B 245 25.20 -9.48 21.38
N ALA B 246 26.46 -9.46 21.81
CA ALA B 246 27.20 -8.22 21.93
C ALA B 246 27.29 -7.57 20.56
N VAL B 247 27.77 -8.36 19.60
CA VAL B 247 27.91 -7.90 18.23
C VAL B 247 26.61 -7.26 17.74
N ILE B 248 25.49 -7.95 17.99
CA ILE B 248 24.18 -7.46 17.58
C ILE B 248 23.80 -6.14 18.24
N ALA B 249 24.06 -6.01 19.55
CA ALA B 249 23.75 -4.78 20.26
C ALA B 249 24.71 -3.67 19.84
N ALA B 250 25.94 -4.06 19.53
CA ALA B 250 26.95 -3.11 19.10
C ALA B 250 26.62 -2.61 17.70
N ALA B 251 26.15 -3.53 16.86
CA ALA B 251 25.78 -3.20 15.48
C ALA B 251 24.53 -2.34 15.43
N ALA B 252 23.75 -2.36 16.50
CA ALA B 252 22.53 -1.56 16.58
C ALA B 252 22.84 -0.09 16.89
N ARG B 253 23.83 0.14 17.75
CA ARG B 253 24.26 1.49 18.12
C ARG B 253 24.81 2.21 16.89
N LEU B 254 25.65 1.51 16.12
CA LEU B 254 26.23 2.09 14.92
C LEU B 254 25.09 2.57 14.04
N ALA B 255 24.06 1.74 13.93
CA ALA B 255 22.88 2.07 13.12
C ALA B 255 22.16 3.30 13.64
N LEU B 256 21.91 3.34 14.96
CA LEU B 256 21.22 4.46 15.58
C LEU B 256 21.96 5.78 15.37
N GLU B 257 23.29 5.72 15.47
CA GLU B 257 24.13 6.90 15.28
C GLU B 257 24.32 7.19 13.79
N GLY B 258 24.02 6.19 12.96
CA GLY B 258 24.11 6.39 11.53
C GLY B 258 22.89 7.22 11.19
N LEU B 259 22.08 7.42 12.22
CA LEU B 259 20.86 8.19 12.14
C LEU B 259 20.98 9.25 13.25
N GLY B 260 22.23 9.56 13.59
CA GLY B 260 22.55 10.55 14.60
C GLY B 260 21.61 10.66 15.78
N VAL B 261 21.85 9.85 16.80
CA VAL B 261 21.03 9.86 18.02
C VAL B 261 21.63 10.73 19.11
N ALA C 1 1.92 -9.18 -8.71
CA ALA C 1 2.07 -10.31 -9.67
C ALA C 1 3.40 -11.01 -9.45
N GLU C 2 3.40 -12.33 -9.60
CA GLU C 2 4.60 -13.13 -9.40
C GLU C 2 5.57 -13.23 -10.59
N PRO C 3 5.19 -12.72 -11.78
CA PRO C 3 6.12 -12.81 -12.91
C PRO C 3 7.35 -11.94 -12.61
N PHE C 4 7.07 -10.74 -12.11
CA PHE C 4 8.11 -9.79 -11.75
C PHE C 4 8.88 -10.33 -10.56
N ALA C 5 8.12 -10.84 -9.58
CA ALA C 5 8.71 -11.40 -8.37
C ALA C 5 9.83 -12.36 -8.73
N LYS C 6 9.53 -13.33 -9.59
CA LYS C 6 10.51 -14.33 -10.01
C LYS C 6 11.54 -13.80 -10.99
N LEU C 7 11.11 -12.95 -11.93
CA LEU C 7 12.01 -12.38 -12.91
C LEU C 7 13.21 -11.74 -12.22
N GLU C 8 12.96 -11.00 -11.14
CA GLU C 8 14.04 -10.34 -10.41
C GLU C 8 14.76 -11.32 -9.49
N GLN C 9 14.09 -12.40 -9.12
CA GLN C 9 14.71 -13.41 -8.27
C GLN C 9 15.72 -14.15 -9.15
N ASP C 10 15.38 -14.30 -10.42
CA ASP C 10 16.27 -14.95 -11.38
C ASP C 10 17.44 -14.02 -11.61
N PHE C 11 17.14 -12.73 -11.72
CA PHE C 11 18.15 -11.69 -11.94
C PHE C 11 19.09 -11.58 -10.76
N GLY C 12 18.50 -11.43 -9.56
CA GLY C 12 19.29 -11.30 -8.36
C GLY C 12 19.30 -9.86 -7.87
N GLY C 13 18.14 -9.22 -7.91
CA GLY C 13 18.03 -7.84 -7.48
C GLY C 13 16.59 -7.38 -7.45
N SER C 14 16.36 -6.10 -7.75
CA SER C 14 15.01 -5.54 -7.73
C SER C 14 14.61 -4.93 -9.07
N ILE C 15 13.35 -5.08 -9.43
CA ILE C 15 12.85 -4.49 -10.67
C ILE C 15 11.75 -3.50 -10.32
N GLY C 16 11.84 -2.30 -10.90
CA GLY C 16 10.84 -1.28 -10.65
C GLY C 16 10.17 -0.94 -11.97
N VAL C 17 8.92 -1.38 -12.11
CA VAL C 17 8.18 -1.14 -13.35
C VAL C 17 6.90 -0.36 -13.12
N TYR C 18 6.55 0.48 -14.08
CA TYR C 18 5.31 1.23 -14.03
C TYR C 18 4.91 1.50 -15.46
N ALA C 19 3.75 0.95 -15.86
CA ALA C 19 3.23 1.14 -17.21
C ALA C 19 2.00 2.03 -17.16
N MET C 20 1.59 2.54 -18.31
CA MET C 20 0.45 3.44 -18.37
C MET C 20 -0.17 3.47 -19.76
N ASP C 21 -1.38 2.94 -19.89
CA ASP C 21 -2.07 2.94 -21.16
C ASP C 21 -2.87 4.24 -21.27
N THR C 22 -2.38 5.18 -22.08
CA THR C 22 -3.03 6.48 -22.23
C THR C 22 -4.49 6.39 -22.69
N GLY C 23 -4.97 5.17 -22.94
CA GLY C 23 -6.34 4.99 -23.37
C GLY C 23 -7.19 4.39 -22.27
N SER C 24 -7.03 3.09 -22.04
CA SER C 24 -7.79 2.38 -21.01
C SER C 24 -7.47 2.92 -19.62
N GLY C 25 -6.44 3.76 -19.53
CA GLY C 25 -6.05 4.31 -18.26
C GLY C 25 -5.42 3.23 -17.39
N ALA C 26 -5.67 1.98 -17.76
CA ALA C 26 -5.14 0.83 -17.04
C ALA C 26 -3.63 0.90 -16.90
N THR C 27 -3.15 0.67 -15.68
CA THR C 27 -1.72 0.72 -15.43
C THR C 27 -1.21 -0.59 -14.86
N VAL C 28 0.09 -0.81 -15.01
CA VAL C 28 0.77 -1.99 -14.50
C VAL C 28 1.79 -1.41 -13.53
N SER C 29 1.98 -2.04 -12.37
CA SER C 29 2.93 -1.51 -11.39
C SER C 29 3.62 -2.55 -10.51
N TYR C 30 4.91 -2.33 -10.29
CA TYR C 30 5.71 -3.21 -9.46
C TYR C 30 6.84 -2.36 -8.89
N ARG C 31 6.82 -2.13 -7.58
CA ARG C 31 7.84 -1.30 -6.95
C ARG C 31 7.85 0.06 -7.68
N ALA C 32 6.70 0.45 -8.21
CA ALA C 32 6.58 1.71 -8.93
C ALA C 32 6.89 2.94 -8.08
N GLU C 33 6.77 2.81 -6.76
CA GLU C 33 7.04 3.92 -5.84
C GLU C 33 8.40 3.81 -5.16
N GLU C 34 9.22 2.85 -5.60
CA GLU C 34 10.55 2.64 -5.04
C GLU C 34 11.62 3.45 -5.78
N ARG C 35 12.63 3.90 -5.04
CA ARG C 35 13.72 4.67 -5.62
C ARG C 35 14.78 3.82 -6.28
N PHE C 36 15.17 4.23 -7.48
CA PHE C 36 16.20 3.57 -8.28
C PHE C 36 17.12 4.64 -8.85
N PRO C 37 18.44 4.39 -8.86
CA PRO C 37 19.37 5.38 -9.40
C PRO C 37 18.94 5.75 -10.83
N LEU C 38 19.01 7.03 -11.16
CA LEU C 38 18.61 7.49 -12.48
C LEU C 38 19.67 7.13 -13.53
N CYS C 39 20.92 7.05 -13.09
CA CYS C 39 22.04 6.78 -13.97
C CYS C 39 21.90 7.71 -15.17
N SER C 40 22.21 7.19 -16.36
CA SER C 40 22.14 7.97 -17.58
C SER C 40 20.77 8.51 -18.02
N SER C 41 19.69 7.86 -17.59
CA SER C 41 18.35 8.29 -18.01
C SER C 41 17.95 9.75 -17.72
N PHE C 42 18.66 10.42 -16.81
CA PHE C 42 18.31 11.80 -16.49
C PHE C 42 18.50 12.68 -17.72
N LYS C 43 19.34 12.23 -18.66
CA LYS C 43 19.61 13.02 -19.87
C LYS C 43 18.38 13.32 -20.70
N GLY C 44 17.37 12.46 -20.62
CA GLY C 44 16.14 12.70 -21.36
C GLY C 44 15.44 13.92 -20.78
N PHE C 45 15.27 13.93 -19.47
CA PHE C 45 14.62 15.06 -18.79
C PHE C 45 15.46 16.32 -18.87
N LEU C 46 16.75 16.14 -19.12
CA LEU C 46 17.68 17.27 -19.26
C LEU C 46 17.37 18.01 -20.55
N ALA C 47 17.27 17.27 -21.65
CA ALA C 47 16.97 17.85 -22.95
C ALA C 47 15.58 18.50 -22.95
N ALA C 48 14.63 17.88 -22.25
CA ALA C 48 13.27 18.41 -22.18
C ALA C 48 13.27 19.73 -21.42
N ALA C 49 14.10 19.80 -20.37
CA ALA C 49 14.22 21.00 -19.56
C ALA C 49 14.80 22.13 -20.40
N VAL C 50 15.70 21.77 -21.31
CA VAL C 50 16.32 22.74 -22.21
C VAL C 50 15.24 23.30 -23.15
N LEU C 51 14.50 22.41 -23.80
CA LEU C 51 13.43 22.81 -24.72
C LEU C 51 12.46 23.74 -24.01
N ALA C 52 12.01 23.32 -22.84
CA ALA C 52 11.08 24.11 -22.04
C ALA C 52 11.64 25.53 -21.94
N ARG C 53 12.89 25.64 -21.49
CA ARG C 53 13.54 26.93 -21.35
C ARG C 53 13.61 27.66 -22.67
N SER C 54 13.63 26.92 -23.77
CA SER C 54 13.72 27.54 -25.09
C SER C 54 12.41 28.15 -25.58
N GLN C 55 11.30 27.83 -24.94
CA GLN C 55 10.03 28.40 -25.39
C GLN C 55 9.74 29.75 -24.73
N GLN C 56 10.71 30.24 -23.97
CA GLN C 56 10.63 31.55 -23.31
C GLN C 56 11.95 32.26 -23.60
N GLN C 57 12.78 31.62 -24.41
CA GLN C 57 14.08 32.18 -24.79
C GLN C 57 14.45 31.78 -26.20
N ALA C 58 14.18 32.69 -27.15
CA ALA C 58 14.48 32.45 -28.55
C ALA C 58 15.98 32.37 -28.82
N GLY C 59 16.37 31.44 -29.68
CA GLY C 59 17.77 31.27 -30.03
C GLY C 59 18.62 30.44 -29.10
N LEU C 60 18.03 29.91 -28.04
CA LEU C 60 18.78 29.09 -27.08
C LEU C 60 19.34 27.84 -27.75
N LEU C 61 18.52 27.23 -28.60
CA LEU C 61 18.92 26.02 -29.32
C LEU C 61 20.07 26.24 -30.32
N ASP C 62 20.14 27.45 -30.87
CA ASP C 62 21.17 27.78 -31.85
C ASP C 62 22.45 28.22 -31.16
N THR C 63 22.31 28.58 -29.89
CA THR C 63 23.45 29.05 -29.10
C THR C 63 24.67 28.15 -29.17
N PRO C 64 25.76 28.66 -29.78
CA PRO C 64 27.00 27.90 -29.91
C PRO C 64 27.70 27.74 -28.55
N ILE C 65 28.32 26.59 -28.34
CA ILE C 65 29.02 26.33 -27.07
C ILE C 65 30.39 25.71 -27.32
N ARG C 66 31.46 26.42 -26.95
CA ARG C 66 32.80 25.86 -27.11
C ARG C 66 33.17 25.11 -25.85
N TYR C 67 34.09 24.17 -25.95
CA TYR C 67 34.50 23.40 -24.80
C TYR C 67 35.89 22.81 -25.03
N GLY C 68 36.59 22.50 -23.96
CA GLY C 68 37.93 21.97 -24.09
C GLY C 68 38.04 20.47 -23.90
N LYS C 69 39.28 19.97 -23.97
CA LYS C 69 39.57 18.56 -23.80
C LYS C 69 39.28 18.08 -22.37
N ASN C 70 39.27 19.00 -21.42
CA ASN C 70 39.01 18.64 -20.03
C ASN C 70 37.52 18.41 -19.79
N ALA C 71 36.70 18.95 -20.71
CA ALA C 71 35.25 18.81 -20.63
C ALA C 71 34.89 17.43 -21.14
N LEU C 72 35.85 16.77 -21.78
CA LEU C 72 35.63 15.44 -22.32
C LEU C 72 35.84 14.40 -21.22
N VAL C 73 34.73 13.77 -20.82
CA VAL C 73 34.76 12.74 -19.80
C VAL C 73 34.43 11.42 -20.50
N PRO C 74 34.51 10.29 -19.77
CA PRO C 74 34.20 9.00 -20.41
C PRO C 74 32.82 9.02 -21.07
N TRP C 75 32.75 8.37 -22.23
CA TRP C 75 31.55 8.27 -23.05
C TRP C 75 30.94 9.60 -23.51
N SER C 76 31.76 10.36 -24.23
CA SER C 76 31.39 11.64 -24.81
C SER C 76 31.81 11.47 -26.26
N PRO C 77 31.28 10.43 -26.92
CA PRO C 77 31.61 10.17 -28.32
C PRO C 77 31.36 11.32 -29.29
N ILE C 78 30.21 11.96 -29.18
CA ILE C 78 29.88 13.06 -30.06
C ILE C 78 30.73 14.29 -29.73
N SER C 79 30.85 14.58 -28.46
CA SER C 79 31.61 15.75 -28.02
C SER C 79 33.07 15.73 -28.45
N GLU C 80 33.70 14.57 -28.47
CA GLU C 80 35.08 14.53 -28.89
C GLU C 80 35.23 14.78 -30.40
N LYS C 81 34.22 14.40 -31.19
CA LYS C 81 34.29 14.61 -32.64
C LYS C 81 34.25 16.09 -33.01
N TYR C 82 33.30 16.83 -32.43
CA TYR C 82 33.16 18.25 -32.73
C TYR C 82 33.91 19.18 -31.78
N LEU C 83 34.89 18.64 -31.08
CA LEU C 83 35.65 19.43 -30.12
C LEU C 83 36.17 20.72 -30.77
N THR C 84 36.70 20.60 -31.99
CA THR C 84 37.27 21.74 -32.71
C THR C 84 36.31 22.87 -33.06
N THR C 85 35.05 22.53 -33.35
CA THR C 85 34.04 23.54 -33.67
C THR C 85 33.08 23.81 -32.52
N GLY C 86 33.05 22.92 -31.54
CA GLY C 86 32.12 23.08 -30.44
C GLY C 86 30.75 22.63 -30.96
N MET C 87 29.70 22.79 -30.16
CA MET C 87 28.38 22.37 -30.60
C MET C 87 27.32 23.33 -30.07
N THR C 88 26.22 23.47 -30.80
CA THR C 88 25.15 24.34 -30.34
C THR C 88 24.42 23.57 -29.26
N VAL C 89 23.51 24.26 -28.57
CA VAL C 89 22.72 23.67 -27.50
C VAL C 89 21.87 22.52 -28.03
N ALA C 90 21.35 22.68 -29.24
CA ALA C 90 20.51 21.66 -29.86
C ALA C 90 21.32 20.41 -30.18
N GLU C 91 22.54 20.60 -30.69
CA GLU C 91 23.40 19.48 -31.03
C GLU C 91 23.74 18.76 -29.75
N LEU C 92 24.02 19.54 -28.70
CA LEU C 92 24.36 19.00 -27.39
C LEU C 92 23.21 18.17 -26.81
N SER C 93 21.98 18.61 -27.05
CA SER C 93 20.79 17.90 -26.56
C SER C 93 20.56 16.58 -27.28
N ALA C 94 20.84 16.54 -28.58
CA ALA C 94 20.65 15.32 -29.34
C ALA C 94 21.77 14.33 -29.01
N ALA C 95 22.95 14.86 -28.73
CA ALA C 95 24.08 14.01 -28.38
C ALA C 95 23.77 13.36 -27.04
N ALA C 96 23.32 14.19 -26.09
CA ALA C 96 22.96 13.73 -24.75
C ALA C 96 21.86 12.66 -24.79
N VAL C 97 20.80 12.94 -25.54
CA VAL C 97 19.68 12.01 -25.66
C VAL C 97 19.93 10.75 -26.47
N GLN C 98 20.37 10.90 -27.72
CA GLN C 98 20.56 9.73 -28.58
C GLN C 98 21.84 8.92 -28.41
N TYR C 99 22.86 9.52 -27.82
CA TYR C 99 24.13 8.83 -27.61
C TYR C 99 24.55 8.80 -26.14
N SER C 100 23.73 9.42 -25.29
CA SER C 100 24.01 9.47 -23.86
C SER C 100 25.40 10.07 -23.61
N ASP C 101 25.73 11.09 -24.39
CA ASP C 101 27.02 11.79 -24.32
C ASP C 101 27.16 12.56 -22.99
N ASN C 102 28.16 12.20 -22.19
CA ASN C 102 28.38 12.84 -20.88
C ASN C 102 28.84 14.29 -20.89
N ALA C 103 29.87 14.61 -21.68
CA ALA C 103 30.35 15.99 -21.76
C ALA C 103 29.18 16.88 -22.18
N ALA C 104 28.38 16.39 -23.13
CA ALA C 104 27.23 17.12 -23.64
C ALA C 104 26.19 17.35 -22.55
N ALA C 105 25.93 16.32 -21.77
CA ALA C 105 24.97 16.39 -20.65
C ALA C 105 25.43 17.40 -19.60
N ASN C 106 26.74 17.42 -19.29
CA ASN C 106 27.30 18.34 -18.31
C ASN C 106 27.31 19.79 -18.76
N LEU C 107 27.47 20.01 -20.07
CA LEU C 107 27.47 21.36 -20.62
C LEU C 107 26.04 21.88 -20.54
N LEU C 108 25.07 21.02 -20.82
CA LEU C 108 23.67 21.42 -20.76
C LEU C 108 23.26 21.67 -19.32
N LEU C 109 23.75 20.82 -18.41
CA LEU C 109 23.45 20.96 -16.98
C LEU C 109 23.91 22.33 -16.50
N LYS C 110 25.13 22.70 -16.87
CA LYS C 110 25.70 23.99 -16.49
C LYS C 110 24.80 25.13 -16.97
N GLU C 111 24.22 24.95 -18.15
CA GLU C 111 23.34 25.97 -18.72
C GLU C 111 22.02 26.08 -17.97
N LEU C 112 21.64 25.02 -17.27
CA LEU C 112 20.39 25.02 -16.52
C LEU C 112 20.53 25.09 -15.01
N GLY C 113 21.69 25.51 -14.54
CA GLY C 113 21.91 25.63 -13.10
C GLY C 113 22.37 24.37 -12.37
N GLY C 114 22.88 23.41 -13.13
CA GLY C 114 23.36 22.18 -12.53
C GLY C 114 22.26 21.22 -12.11
N PRO C 115 22.60 20.17 -11.36
CA PRO C 115 21.66 19.15 -10.87
C PRO C 115 20.38 19.74 -10.27
N ALA C 116 20.57 20.75 -9.42
CA ALA C 116 19.47 21.42 -8.73
C ALA C 116 18.55 22.15 -9.69
N GLY C 117 19.11 22.70 -10.76
CA GLY C 117 18.31 23.41 -11.75
C GLY C 117 17.39 22.46 -12.48
N LEU C 118 17.86 21.25 -12.77
CA LEU C 118 17.04 20.25 -13.46
C LEU C 118 15.98 19.73 -12.48
N THR C 119 16.37 19.57 -11.22
CA THR C 119 15.47 19.10 -10.18
C THR C 119 14.33 20.10 -10.03
N ALA C 120 14.64 21.40 -10.12
CA ALA C 120 13.62 22.43 -10.02
C ALA C 120 12.69 22.37 -11.23
N PHE C 121 13.22 21.92 -12.38
CA PHE C 121 12.38 21.82 -13.57
C PHE C 121 11.34 20.73 -13.37
N MET C 122 11.79 19.56 -12.92
CA MET C 122 10.86 18.46 -12.70
C MET C 122 9.75 18.86 -11.73
N ARG C 123 10.09 19.66 -10.73
CA ARG C 123 9.11 20.14 -9.76
C ARG C 123 8.09 21.01 -10.49
N SER C 124 8.59 21.90 -11.36
CA SER C 124 7.75 22.81 -12.13
C SER C 124 6.75 22.08 -13.03
N ILE C 125 6.90 20.77 -13.19
CA ILE C 125 5.99 20.00 -14.03
C ILE C 125 5.17 19.02 -13.18
N GLY C 126 5.29 19.16 -11.86
CA GLY C 126 4.53 18.29 -10.96
C GLY C 126 5.24 17.07 -10.40
N ASP C 127 6.50 16.87 -10.76
CA ASP C 127 7.24 15.71 -10.27
C ASP C 127 7.98 16.11 -8.99
N THR C 128 7.59 15.49 -7.88
CA THR C 128 8.20 15.79 -6.59
C THR C 128 9.12 14.65 -6.12
N THR C 129 9.26 13.63 -6.96
CA THR C 129 10.09 12.48 -6.63
C THR C 129 11.49 12.59 -7.21
N PHE C 130 11.57 13.14 -8.42
CA PHE C 130 12.85 13.29 -9.10
C PHE C 130 13.88 13.98 -8.21
N ARG C 131 15.11 13.45 -8.23
CA ARG C 131 16.17 14.00 -7.43
C ARG C 131 17.55 13.81 -8.08
N LEU C 132 18.12 14.90 -8.62
CA LEU C 132 19.46 14.83 -9.21
C LEU C 132 20.37 15.67 -8.32
N ASP C 133 21.42 15.03 -7.80
CA ASP C 133 22.34 15.69 -6.90
C ASP C 133 23.73 15.94 -7.45
N ARG C 134 24.20 15.08 -8.35
CA ARG C 134 25.54 15.26 -8.89
C ARG C 134 25.54 15.34 -10.41
N TRP C 135 26.74 15.45 -10.98
CA TRP C 135 26.92 15.54 -12.44
C TRP C 135 27.41 14.18 -12.91
N GLU C 136 27.65 14.06 -14.23
CA GLU C 136 28.16 12.84 -14.85
C GLU C 136 29.68 12.95 -14.63
N LEU C 137 30.36 11.89 -14.18
CA LEU C 137 29.82 10.55 -13.93
C LEU C 137 29.67 10.25 -12.44
N GLU C 138 29.92 11.22 -11.57
CA GLU C 138 29.78 10.96 -10.12
C GLU C 138 28.39 10.46 -9.74
N LEU C 139 27.37 10.83 -10.51
CA LEU C 139 25.98 10.44 -10.25
C LEU C 139 25.63 8.96 -10.47
N ASN C 140 26.65 8.18 -10.86
CA ASN C 140 26.51 6.75 -11.13
C ASN C 140 26.90 5.78 -10.01
N SER C 141 27.26 6.30 -8.83
CA SER C 141 27.68 5.42 -7.74
C SER C 141 26.66 4.30 -7.45
N ALA C 142 25.37 4.61 -7.52
CA ALA C 142 24.30 3.62 -7.32
C ALA C 142 24.40 2.82 -6.01
N ILE C 143 24.84 3.49 -4.96
CA ILE C 143 25.00 2.87 -3.64
C ILE C 143 23.63 2.49 -3.05
N PRO C 144 23.42 1.19 -2.75
CA PRO C 144 22.14 0.74 -2.20
C PRO C 144 21.69 1.58 -1.02
N GLY C 145 20.41 1.98 -1.05
CA GLY C 145 19.86 2.79 0.00
C GLY C 145 20.22 4.26 -0.13
N ASP C 146 20.97 4.63 -1.16
CA ASP C 146 21.36 6.03 -1.35
C ASP C 146 20.29 6.75 -2.17
N ALA C 147 19.81 7.88 -1.65
CA ALA C 147 18.76 8.64 -2.33
C ALA C 147 19.23 9.66 -3.37
N ARG C 148 20.53 9.95 -3.41
CA ARG C 148 21.05 10.90 -4.38
C ARG C 148 20.88 10.41 -5.82
N ASP C 149 20.50 11.32 -6.70
CA ASP C 149 20.33 11.00 -8.12
C ASP C 149 19.38 9.83 -8.36
N THR C 150 18.19 9.88 -7.76
CA THR C 150 17.18 8.83 -7.92
C THR C 150 15.78 9.38 -8.18
N SER C 151 14.87 8.46 -8.49
CA SER C 151 13.45 8.75 -8.74
C SER C 151 12.78 7.39 -8.74
N SER C 152 11.47 7.38 -8.97
CA SER C 152 10.73 6.12 -9.01
C SER C 152 10.16 5.87 -10.40
N PRO C 153 9.92 4.60 -10.75
CA PRO C 153 9.38 4.26 -12.07
C PRO C 153 8.08 5.02 -12.39
N ARG C 154 7.22 5.16 -11.40
CA ARG C 154 5.95 5.87 -11.59
C ARG C 154 6.17 7.36 -11.92
N ALA C 155 7.04 8.02 -11.15
CA ALA C 155 7.31 9.44 -11.38
C ALA C 155 7.97 9.63 -12.74
N VAL C 156 8.84 8.70 -13.09
CA VAL C 156 9.56 8.74 -14.35
C VAL C 156 8.59 8.65 -15.54
N THR C 157 7.67 7.69 -15.50
CA THR C 157 6.71 7.55 -16.61
C THR C 157 5.73 8.72 -16.66
N GLU C 158 5.23 9.13 -15.50
CA GLU C 158 4.28 10.23 -15.45
C GLU C 158 4.91 11.51 -15.96
N SER C 159 6.16 11.77 -15.59
CA SER C 159 6.84 12.98 -16.08
C SER C 159 7.09 12.82 -17.58
N LEU C 160 7.38 11.60 -18.00
CA LEU C 160 7.63 11.31 -19.41
C LEU C 160 6.34 11.51 -20.21
N GLN C 161 5.24 11.03 -19.66
CA GLN C 161 3.95 11.14 -20.31
C GLN C 161 3.54 12.60 -20.47
N LYS C 162 3.83 13.41 -19.48
CA LYS C 162 3.48 14.83 -19.53
C LYS C 162 4.32 15.65 -20.51
N LEU C 163 5.57 15.26 -20.70
CA LEU C 163 6.48 15.97 -21.59
C LEU C 163 6.37 15.54 -23.05
N THR C 164 6.03 14.27 -23.27
CA THR C 164 5.92 13.75 -24.64
C THR C 164 4.47 13.65 -25.14
N LEU C 165 3.53 13.46 -24.22
CA LEU C 165 2.12 13.34 -24.60
C LEU C 165 1.25 14.42 -23.98
N GLY C 166 1.73 15.02 -22.91
CA GLY C 166 0.99 16.07 -22.23
C GLY C 166 1.28 17.47 -22.75
N SER C 167 1.10 18.46 -21.87
CA SER C 167 1.32 19.86 -22.20
C SER C 167 2.42 20.52 -21.39
N ALA C 168 3.35 19.71 -20.87
CA ALA C 168 4.46 20.27 -20.10
C ALA C 168 5.30 21.10 -21.07
N LEU C 169 5.29 20.69 -22.33
CA LEU C 169 6.01 21.40 -23.38
C LEU C 169 5.06 21.80 -24.50
N ALA C 170 5.34 22.94 -25.14
CA ALA C 170 4.53 23.41 -26.26
C ALA C 170 4.60 22.32 -27.33
N ALA C 171 3.55 22.20 -28.14
CA ALA C 171 3.52 21.19 -29.19
C ALA C 171 4.83 21.06 -29.94
N PRO C 172 5.40 22.20 -30.41
CA PRO C 172 6.67 22.21 -31.15
C PRO C 172 7.82 21.56 -30.39
N GLN C 173 8.07 22.05 -29.18
CA GLN C 173 9.12 21.53 -28.33
C GLN C 173 8.83 20.07 -28.02
N ARG C 174 7.57 19.78 -27.68
CA ARG C 174 7.16 18.42 -27.35
C ARG C 174 7.51 17.40 -28.43
N GLN C 175 7.34 17.78 -29.70
CA GLN C 175 7.64 16.87 -30.80
C GLN C 175 9.16 16.77 -30.99
N GLN C 176 9.87 17.84 -30.64
CA GLN C 176 11.32 17.82 -30.75
C GLN C 176 11.85 16.82 -29.74
N PHE C 177 11.16 16.71 -28.61
CA PHE C 177 11.55 15.79 -27.55
C PHE C 177 11.30 14.36 -28.01
N VAL C 178 10.14 14.12 -28.60
CA VAL C 178 9.77 12.80 -29.10
C VAL C 178 10.74 12.34 -30.20
N ASP C 179 11.06 13.22 -31.13
CA ASP C 179 11.97 12.86 -32.22
C ASP C 179 13.35 12.47 -31.72
N TRP C 180 13.83 13.17 -30.70
CA TRP C 180 15.13 12.85 -30.12
C TRP C 180 15.04 11.46 -29.48
N LEU C 181 13.97 11.24 -28.72
CA LEU C 181 13.77 9.95 -28.05
C LEU C 181 13.64 8.84 -29.08
N LYS C 182 12.89 9.10 -30.14
CA LYS C 182 12.71 8.10 -31.19
C LYS C 182 14.04 7.77 -31.84
N GLY C 183 14.91 8.77 -31.88
CA GLY C 183 16.23 8.59 -32.49
C GLY C 183 17.31 8.04 -31.59
N ASN C 184 16.97 7.60 -30.37
CA ASN C 184 17.97 7.06 -29.45
C ASN C 184 18.63 5.84 -30.08
N THR C 185 19.95 5.77 -29.95
CA THR C 185 20.75 4.68 -30.51
C THR C 185 21.25 3.68 -29.45
N THR C 186 20.98 3.98 -28.18
CA THR C 186 21.45 3.14 -27.07
C THR C 186 20.46 2.18 -26.42
N GLY C 187 19.20 2.17 -26.85
CA GLY C 187 18.25 1.29 -26.20
C GLY C 187 17.67 0.15 -27.03
N ASN C 188 18.42 -0.36 -28.00
CA ASN C 188 17.93 -1.45 -28.85
C ASN C 188 17.71 -2.78 -28.14
N HIS C 189 18.40 -3.02 -27.03
CA HIS C 189 18.24 -4.30 -26.33
C HIS C 189 17.39 -4.24 -25.08
N ARG C 190 16.74 -3.11 -24.83
CA ARG C 190 15.91 -2.99 -23.63
C ARG C 190 14.43 -2.96 -23.95
N ILE C 191 13.78 -1.83 -23.72
CA ILE C 191 12.34 -1.76 -24.01
C ILE C 191 12.05 -1.96 -25.50
N ARG C 192 12.92 -1.46 -26.39
CA ARG C 192 12.71 -1.62 -27.83
C ARG C 192 12.74 -3.09 -28.27
N ALA C 193 13.46 -3.92 -27.51
CA ALA C 193 13.58 -5.33 -27.83
C ALA C 193 12.33 -6.10 -27.39
N ALA C 194 11.40 -5.42 -26.73
CA ALA C 194 10.17 -6.04 -26.26
C ALA C 194 9.02 -5.84 -27.24
N VAL C 195 9.12 -4.81 -28.09
CA VAL C 195 8.07 -4.50 -29.04
C VAL C 195 8.45 -4.76 -30.52
N PRO C 196 7.43 -4.84 -31.40
CA PRO C 196 7.62 -5.08 -32.84
C PRO C 196 8.29 -3.89 -33.51
N ALA C 197 8.64 -4.05 -34.78
CA ALA C 197 9.32 -2.98 -35.53
C ALA C 197 8.38 -2.04 -36.27
N ASP C 198 7.07 -2.26 -36.16
CA ASP C 198 6.11 -1.39 -36.82
C ASP C 198 5.52 -0.42 -35.81
N TRP C 199 6.00 -0.51 -34.57
CA TRP C 199 5.55 0.35 -33.48
C TRP C 199 6.53 1.48 -33.25
N ALA C 200 6.11 2.71 -33.53
CA ALA C 200 6.97 3.87 -33.32
C ALA C 200 7.32 3.92 -31.82
N VAL C 201 8.62 4.01 -31.51
CA VAL C 201 9.07 4.03 -30.12
C VAL C 201 10.20 5.02 -29.83
N GLY C 202 10.13 5.65 -28.65
CA GLY C 202 11.15 6.59 -28.22
C GLY C 202 11.56 6.24 -26.81
N ASP C 203 12.87 6.25 -26.53
CA ASP C 203 13.34 5.92 -25.19
C ASP C 203 14.65 6.59 -24.81
N LYS C 204 15.03 6.44 -23.54
CA LYS C 204 16.28 6.95 -23.00
C LYS C 204 16.75 5.94 -21.96
N THR C 205 17.96 5.44 -22.17
CA THR C 205 18.56 4.43 -21.29
C THR C 205 19.35 5.02 -20.12
N GLY C 206 19.59 4.19 -19.12
CA GLY C 206 20.36 4.60 -17.97
C GLY C 206 21.20 3.42 -17.55
N THR C 207 22.51 3.61 -17.45
CA THR C 207 23.40 2.53 -17.04
C THR C 207 24.47 3.11 -16.13
N CYS C 208 24.49 2.62 -14.90
CA CYS C 208 25.45 3.08 -13.90
C CYS C 208 26.77 2.32 -13.92
N GLY C 209 26.75 1.11 -14.47
CA GLY C 209 27.97 0.32 -14.54
C GLY C 209 28.32 -0.43 -13.25
N VAL C 210 27.58 -0.18 -12.18
CA VAL C 210 27.81 -0.84 -10.91
C VAL C 210 26.49 -1.19 -10.24
N TYR C 211 26.54 -2.15 -9.33
CA TYR C 211 25.36 -2.61 -8.60
C TYR C 211 24.24 -3.06 -9.54
N GLY C 212 24.63 -3.73 -10.62
CA GLY C 212 23.66 -4.21 -11.60
C GLY C 212 22.53 -3.24 -11.84
N THR C 213 22.83 -1.94 -11.75
CA THR C 213 21.85 -0.89 -11.94
C THR C 213 21.84 -0.40 -13.39
N ALA C 214 20.70 -0.56 -14.05
CA ALA C 214 20.50 -0.13 -15.43
C ALA C 214 19.00 0.15 -15.56
N ASN C 215 18.60 0.84 -16.62
CA ASN C 215 17.20 1.16 -16.79
C ASN C 215 16.88 1.67 -18.18
N ASP C 216 15.63 2.06 -18.37
CA ASP C 216 15.18 2.57 -19.66
C ASP C 216 13.72 3.00 -19.50
N TYR C 217 13.37 4.12 -20.12
CA TYR C 217 11.99 4.57 -20.08
C TYR C 217 11.64 4.88 -21.52
N ALA C 218 10.38 4.61 -21.88
CA ALA C 218 9.96 4.82 -23.24
C ALA C 218 8.47 5.08 -23.40
N VAL C 219 8.11 5.49 -24.60
CA VAL C 219 6.73 5.77 -25.00
C VAL C 219 6.58 4.88 -26.25
N VAL C 220 5.56 4.04 -26.26
CA VAL C 220 5.36 3.15 -27.39
C VAL C 220 4.04 3.44 -28.11
N TRP C 221 4.09 3.37 -29.44
CA TRP C 221 2.92 3.62 -30.26
C TRP C 221 2.54 2.34 -31.00
N PRO C 222 1.78 1.45 -30.34
CA PRO C 222 1.34 0.18 -30.95
C PRO C 222 0.43 0.41 -32.15
N THR C 223 0.39 -0.57 -33.05
CA THR C 223 -0.42 -0.49 -34.25
C THR C 223 -1.92 -0.62 -33.92
N GLY C 224 -2.65 0.49 -34.01
CA GLY C 224 -4.08 0.48 -33.74
C GLY C 224 -4.52 0.75 -32.31
N ARG C 225 -3.84 1.68 -31.62
CA ARG C 225 -4.20 2.01 -30.24
C ARG C 225 -3.39 3.18 -29.64
N ALA C 226 -3.91 3.75 -28.57
CA ALA C 226 -3.27 4.88 -27.89
C ALA C 226 -1.88 4.56 -27.38
N PRO C 227 -1.01 5.58 -27.28
CA PRO C 227 0.37 5.44 -26.80
C PRO C 227 0.44 4.84 -25.40
N ILE C 228 1.55 4.18 -25.12
CA ILE C 228 1.79 3.56 -23.81
C ILE C 228 3.12 4.06 -23.28
N VAL C 229 3.10 4.59 -22.06
CA VAL C 229 4.30 5.10 -21.43
C VAL C 229 4.73 4.18 -20.29
N LEU C 230 5.98 3.72 -20.32
CA LEU C 230 6.46 2.84 -19.25
C LEU C 230 7.93 3.04 -18.94
N ALA C 231 8.31 2.68 -17.73
CA ALA C 231 9.70 2.80 -17.28
C ALA C 231 10.10 1.55 -16.52
N VAL C 232 11.26 1.01 -16.87
CA VAL C 232 11.77 -0.18 -16.21
C VAL C 232 13.14 0.19 -15.63
N TYR C 233 13.28 0.03 -14.31
CA TYR C 233 14.53 0.32 -13.61
C TYR C 233 14.96 -0.91 -12.83
N THR C 234 16.26 -1.19 -12.82
CA THR C 234 16.76 -2.33 -12.06
C THR C 234 17.96 -1.97 -11.20
N ARG C 235 18.27 -2.84 -10.25
CA ARG C 235 19.41 -2.67 -9.37
C ARG C 235 19.71 -3.99 -8.67
N ALA C 236 20.92 -4.14 -8.17
CA ALA C 236 21.34 -5.35 -7.47
C ALA C 236 22.08 -4.96 -6.20
N PRO C 237 22.20 -5.90 -5.24
CA PRO C 237 22.87 -5.63 -3.97
C PRO C 237 24.40 -5.53 -3.99
N ASN C 238 25.04 -6.24 -4.92
CA ASN C 238 26.50 -6.23 -5.00
C ASN C 238 27.04 -5.27 -6.05
N LYS C 239 28.03 -4.48 -5.63
CA LYS C 239 28.67 -3.49 -6.49
C LYS C 239 29.09 -4.10 -7.83
N ASP C 240 29.82 -5.21 -7.77
CA ASP C 240 30.29 -5.88 -8.98
C ASP C 240 29.20 -6.62 -9.72
N ASP C 241 27.99 -6.65 -9.16
CA ASP C 241 26.90 -7.32 -9.84
C ASP C 241 26.67 -6.61 -11.17
N LYS C 242 26.50 -7.40 -12.22
CA LYS C 242 26.27 -6.87 -13.55
C LYS C 242 24.78 -6.66 -13.75
N HIS C 243 24.42 -5.77 -14.68
CA HIS C 243 23.02 -5.54 -14.97
C HIS C 243 22.65 -6.48 -16.11
N SER C 244 21.41 -6.40 -16.57
CA SER C 244 20.96 -7.24 -17.66
C SER C 244 19.98 -6.51 -18.53
N GLU C 245 20.36 -6.29 -19.79
CA GLU C 245 19.47 -5.62 -20.72
C GLU C 245 18.33 -6.60 -21.03
N ALA C 246 18.62 -7.89 -20.91
CA ALA C 246 17.63 -8.93 -21.17
C ALA C 246 16.54 -8.85 -20.11
N VAL C 247 16.92 -8.54 -18.88
CA VAL C 247 15.98 -8.42 -17.77
C VAL C 247 15.05 -7.24 -18.02
N ILE C 248 15.64 -6.13 -18.49
CA ILE C 248 14.85 -4.94 -18.79
C ILE C 248 13.92 -5.28 -19.96
N ALA C 249 14.42 -6.09 -20.89
CA ALA C 249 13.62 -6.49 -22.05
C ALA C 249 12.46 -7.33 -21.53
N ALA C 250 12.81 -8.36 -20.75
CA ALA C 250 11.84 -9.26 -20.17
C ALA C 250 10.77 -8.50 -19.37
N ALA C 251 11.23 -7.53 -18.57
CA ALA C 251 10.35 -6.70 -17.73
C ALA C 251 9.37 -5.86 -18.55
N ALA C 252 9.86 -5.33 -19.67
CA ALA C 252 9.03 -4.52 -20.55
C ALA C 252 7.98 -5.41 -21.19
N ARG C 253 8.34 -6.66 -21.45
CA ARG C 253 7.44 -7.63 -22.06
C ARG C 253 6.23 -7.90 -21.15
N LEU C 254 6.51 -8.12 -19.86
CA LEU C 254 5.46 -8.39 -18.89
C LEU C 254 4.54 -7.18 -18.70
N ALA C 255 5.14 -6.00 -18.49
CA ALA C 255 4.38 -4.77 -18.30
C ALA C 255 3.41 -4.59 -19.47
N LEU C 256 3.93 -4.74 -20.68
CA LEU C 256 3.12 -4.63 -21.89
C LEU C 256 2.05 -5.70 -21.85
N GLU C 257 2.44 -6.90 -21.44
CA GLU C 257 1.56 -8.04 -21.30
C GLU C 257 0.41 -7.61 -20.39
N GLY C 258 0.79 -7.21 -19.18
CA GLY C 258 -0.17 -6.78 -18.18
C GLY C 258 -1.18 -5.76 -18.67
N LEU C 259 -0.90 -5.10 -19.79
CA LEU C 259 -1.84 -4.10 -20.31
C LEU C 259 -2.71 -4.70 -21.41
N GLY C 260 -2.52 -6.00 -21.66
CA GLY C 260 -3.30 -6.66 -22.70
C GLY C 260 -2.81 -6.19 -24.04
N VAL C 261 -1.63 -5.58 -24.04
CA VAL C 261 -1.01 -5.05 -25.25
C VAL C 261 -0.16 -6.13 -25.91
N1 BCN D . -26.05 9.39 -3.41
C1 BCN D . -25.06 8.41 -2.96
C2 BCN D . -25.68 7.13 -2.38
O21 BCN D . -26.56 7.24 -1.51
O22 BCN D . -25.22 6.05 -2.81
C3 BCN D . -27.38 8.80 -3.69
C4 BCN D . -27.46 8.36 -5.15
O4 BCN D . -26.48 7.33 -5.40
C5 BCN D . -26.21 10.46 -2.40
C6 BCN D . -24.87 11.15 -2.15
O6 BCN D . -24.35 11.70 -3.36
N1 BCN E . 15.33 -18.90 20.92
C1 BCN E . 14.76 -18.23 19.75
C2 BCN E . 15.10 -16.73 19.78
O21 BCN E . 14.14 -15.94 19.76
O22 BCN E . 16.31 -16.41 19.82
C3 BCN E . 14.98 -18.16 22.14
C4 BCN E . 16.07 -18.36 23.19
O4 BCN E . 15.75 -17.56 24.33
C5 BCN E . 14.83 -20.29 21.06
C6 BCN E . 14.50 -20.93 19.72
O6 BCN E . 13.29 -20.37 19.20
N1 BCN F . 25.27 5.18 -22.19
C1 BCN F . 24.69 4.31 -21.16
C2 BCN F . 23.16 4.44 -21.16
O21 BCN F . 22.69 5.58 -21.33
O22 BCN F . 22.51 3.37 -21.01
C3 BCN F . 25.75 6.41 -21.57
C4 BCN F . 26.72 6.10 -20.42
O4 BCN F . 27.09 7.33 -19.78
C5 BCN F . 26.37 4.47 -22.86
C6 BCN F . 25.83 3.65 -24.03
O6 BCN F . 24.84 2.73 -23.55
#